data_5WLF
# 
_entry.id   5WLF 
# 
_audit_conform.dict_name       mmcif_pdbx.dic 
_audit_conform.dict_version    5.379 
_audit_conform.dict_location   http://mmcif.pdb.org/dictionaries/ascii/mmcif_pdbx.dic 
# 
loop_
_database_2.database_id 
_database_2.database_code 
_database_2.pdbx_database_accession 
_database_2.pdbx_DOI 
PDB   5WLF         pdb_00005wlf 10.2210/pdb5wlf/pdb 
WWPDB D_1000228697 ?            ?                   
# 
_pdbx_database_related.db_name        PDB 
_pdbx_database_related.details        'PPS complex with H3K4me3' 
_pdbx_database_related.db_id          5WLE 
_pdbx_database_related.content_type   unspecified 
# 
_pdbx_database_status.status_code                     REL 
_pdbx_database_status.status_code_sf                  REL 
_pdbx_database_status.status_code_mr                  ? 
_pdbx_database_status.entry_id                        5WLF 
_pdbx_database_status.recvd_initial_deposition_date   2017-07-26 
_pdbx_database_status.SG_entry                        N 
_pdbx_database_status.deposit_site                    RCSB 
_pdbx_database_status.process_site                    RCSB 
_pdbx_database_status.status_code_cs                  ? 
_pdbx_database_status.methods_development_category    ? 
_pdbx_database_status.pdb_format_compatible           Y 
_pdbx_database_status.status_code_nmr_data            ? 
# 
loop_
_audit_author.name 
_audit_author.pdbx_ordinal 
_audit_author.identifier_ORCID 
'Klein, B.J.'       1 ? 
'Kutateladze, T.G.' 2 ? 
# 
_citation.abstract                  ? 
_citation.abstract_id_CAS           ? 
_citation.book_id_ISBN              ? 
_citation.book_publisher            ? 
_citation.book_publisher_city       ? 
_citation.book_title                ? 
_citation.coordinate_linkage        ? 
_citation.country                   UK 
_citation.database_id_Medline       ? 
_citation.details                   ? 
_citation.id                        primary 
_citation.journal_abbrev            Structure 
_citation.journal_id_ASTM           STRUE6 
_citation.journal_id_CSD            2005 
_citation.journal_id_ISSN           1878-4186 
_citation.journal_full              ? 
_citation.journal_issue             ? 
_citation.journal_volume            25 
_citation.language                  ? 
_citation.page_first                1530 
_citation.page_last                 1539.e3 
_citation.title                     'A Unique pH-Dependent Recognition of Methylated Histone H3K4 by PPS and DIDO.' 
_citation.year                      2017 
_citation.database_id_CSD           ? 
_citation.pdbx_database_id_DOI      10.1016/j.str.2017.08.009 
_citation.pdbx_database_id_PubMed   28919441 
_citation.unpublished_flag          ? 
# 
loop_
_citation_author.citation_id 
_citation_author.name 
_citation_author.ordinal 
_citation_author.identifier_ORCID 
primary 'Tencer, A.H.'      1 ? 
primary 'Gatchalian, J.'    2 ? 
primary 'Klein, B.J.'       3 ? 
primary 'Khan, A.'          4 ? 
primary 'Zhang, Y.'         5 ? 
primary 'Strahl, B.D.'      6 ? 
primary 'van Wely, K.H.M.'  7 ? 
primary 'Kutateladze, T.G.' 8 ? 
# 
_cell.entry_id           5WLF 
_cell.length_a           23.020 
_cell.length_b           41.060 
_cell.length_c           26.410 
_cell.angle_alpha        90.00 
_cell.angle_beta         98.43 
_cell.angle_gamma        90.00 
_cell.Z_PDB              2 
_cell.pdbx_unique_axis   ? 
# 
_symmetry.entry_id                         5WLF 
_symmetry.space_group_name_H-M             'P 1 21 1' 
_symmetry.pdbx_full_space_group_name_H-M   ? 
_symmetry.cell_setting                     ? 
_symmetry.Int_Tables_number                4 
# 
loop_
_entity.id 
_entity.type 
_entity.src_method 
_entity.pdbx_description 
_entity.formula_weight 
_entity.pdbx_number_of_molecules 
_entity.pdbx_ec 
_entity.pdbx_mutation 
_entity.pdbx_fragment 
_entity.details 
1 polymer     man 'Protein partner of snf, isoform A' 7197.483 1  3.6.-.- ? 'UNP residues 908-966' ? 
2 non-polymer syn GLYCEROL                            92.094   1  ?       ? ?                      ? 
3 non-polymer syn 'ZINC ION'                          65.409   2  ?       ? ?                      ? 
4 water       nat water                               18.015   64 ?       ? ?                      ? 
# 
_entity_poly.entity_id                      1 
_entity_poly.type                           'polypeptide(L)' 
_entity_poly.nstd_linkage                   no 
_entity_poly.nstd_monomer                   no 
_entity_poly.pdbx_seq_one_letter_code       GPLPNKLWCICRQPHNNRFMICCDLCEDWFHGTCVGVTKAMGTDMENKGIDWKCPKCVKRQE 
_entity_poly.pdbx_seq_one_letter_code_can   GPLPNKLWCICRQPHNNRFMICCDLCEDWFHGTCVGVTKAMGTDMENKGIDWKCPKCVKRQE 
_entity_poly.pdbx_strand_id                 A 
_entity_poly.pdbx_target_identifier         ? 
# 
loop_
_entity_poly_seq.entity_id 
_entity_poly_seq.num 
_entity_poly_seq.mon_id 
_entity_poly_seq.hetero 
1 1  GLY n 
1 2  PRO n 
1 3  LEU n 
1 4  PRO n 
1 5  ASN n 
1 6  LYS n 
1 7  LEU n 
1 8  TRP n 
1 9  CYS n 
1 10 ILE n 
1 11 CYS n 
1 12 ARG n 
1 13 GLN n 
1 14 PRO n 
1 15 HIS n 
1 16 ASN n 
1 17 ASN n 
1 18 ARG n 
1 19 PHE n 
1 20 MET n 
1 21 ILE n 
1 22 CYS n 
1 23 CYS n 
1 24 ASP n 
1 25 LEU n 
1 26 CYS n 
1 27 GLU n 
1 28 ASP n 
1 29 TRP n 
1 30 PHE n 
1 31 HIS n 
1 32 GLY n 
1 33 THR n 
1 34 CYS n 
1 35 VAL n 
1 36 GLY n 
1 37 VAL n 
1 38 THR n 
1 39 LYS n 
1 40 ALA n 
1 41 MET n 
1 42 GLY n 
1 43 THR n 
1 44 ASP n 
1 45 MET n 
1 46 GLU n 
1 47 ASN n 
1 48 LYS n 
1 49 GLY n 
1 50 ILE n 
1 51 ASP n 
1 52 TRP n 
1 53 LYS n 
1 54 CYS n 
1 55 PRO n 
1 56 LYS n 
1 57 CYS n 
1 58 VAL n 
1 59 LYS n 
1 60 ARG n 
1 61 GLN n 
1 62 GLU n 
# 
_entity_src_gen.entity_id                          1 
_entity_src_gen.pdbx_src_id                        1 
_entity_src_gen.pdbx_alt_source_flag               sample 
_entity_src_gen.pdbx_seq_type                      'Biological sequence' 
_entity_src_gen.pdbx_beg_seq_num                   1 
_entity_src_gen.pdbx_end_seq_num                   62 
_entity_src_gen.gene_src_common_name               'Fruit fly' 
_entity_src_gen.gene_src_genus                     ? 
_entity_src_gen.pdbx_gene_src_gene                 'pps, CG6525, Dmel_CG6525' 
_entity_src_gen.gene_src_species                   ? 
_entity_src_gen.gene_src_strain                    ? 
_entity_src_gen.gene_src_tissue                    ? 
_entity_src_gen.gene_src_tissue_fraction           ? 
_entity_src_gen.gene_src_details                   ? 
_entity_src_gen.pdbx_gene_src_fragment             ? 
_entity_src_gen.pdbx_gene_src_scientific_name      'Drosophila melanogaster' 
_entity_src_gen.pdbx_gene_src_ncbi_taxonomy_id     7227 
_entity_src_gen.pdbx_gene_src_variant              ? 
_entity_src_gen.pdbx_gene_src_cell_line            ? 
_entity_src_gen.pdbx_gene_src_atcc                 ? 
_entity_src_gen.pdbx_gene_src_organ                ? 
_entity_src_gen.pdbx_gene_src_organelle            ? 
_entity_src_gen.pdbx_gene_src_cell                 ? 
_entity_src_gen.pdbx_gene_src_cellular_location    ? 
_entity_src_gen.host_org_common_name               ? 
_entity_src_gen.pdbx_host_org_scientific_name      'Escherichia coli' 
_entity_src_gen.pdbx_host_org_ncbi_taxonomy_id     562 
_entity_src_gen.host_org_genus                     ? 
_entity_src_gen.pdbx_host_org_gene                 ? 
_entity_src_gen.pdbx_host_org_organ                ? 
_entity_src_gen.host_org_species                   ? 
_entity_src_gen.pdbx_host_org_tissue               ? 
_entity_src_gen.pdbx_host_org_tissue_fraction      ? 
_entity_src_gen.pdbx_host_org_strain               ? 
_entity_src_gen.pdbx_host_org_variant              ? 
_entity_src_gen.pdbx_host_org_cell_line            ? 
_entity_src_gen.pdbx_host_org_atcc                 ? 
_entity_src_gen.pdbx_host_org_culture_collection   ? 
_entity_src_gen.pdbx_host_org_cell                 ? 
_entity_src_gen.pdbx_host_org_organelle            ? 
_entity_src_gen.pdbx_host_org_cellular_location    ? 
_entity_src_gen.pdbx_host_org_vector_type          ? 
_entity_src_gen.pdbx_host_org_vector               ? 
_entity_src_gen.host_org_details                   ? 
_entity_src_gen.expression_system_id               ? 
_entity_src_gen.plasmid_name                       ? 
_entity_src_gen.plasmid_details                    ? 
_entity_src_gen.pdbx_description                   ? 
# 
_struct_ref.id                         1 
_struct_ref.db_name                    UNP 
_struct_ref.db_code                    Q9VG78_DROME 
_struct_ref.pdbx_db_accession          Q9VG78 
_struct_ref.pdbx_db_isoform            ? 
_struct_ref.entity_id                  1 
_struct_ref.pdbx_seq_one_letter_code   PNKLWCICRQPHNNRFMICCDLCEDWFHGTCVGVTKAMGTDMENKGIDWKCPKCVKRQE 
_struct_ref.pdbx_align_begin           908 
# 
_struct_ref_seq.align_id                      1 
_struct_ref_seq.ref_id                        1 
_struct_ref_seq.pdbx_PDB_id_code              5WLF 
_struct_ref_seq.pdbx_strand_id                A 
_struct_ref_seq.seq_align_beg                 4 
_struct_ref_seq.pdbx_seq_align_beg_ins_code   ? 
_struct_ref_seq.seq_align_end                 62 
_struct_ref_seq.pdbx_seq_align_end_ins_code   ? 
_struct_ref_seq.pdbx_db_accession             Q9VG78 
_struct_ref_seq.db_align_beg                  908 
_struct_ref_seq.pdbx_db_align_beg_ins_code    ? 
_struct_ref_seq.db_align_end                  966 
_struct_ref_seq.pdbx_db_align_end_ins_code    ? 
_struct_ref_seq.pdbx_auth_seq_align_beg       908 
_struct_ref_seq.pdbx_auth_seq_align_end       966 
# 
loop_
_struct_ref_seq_dif.align_id 
_struct_ref_seq_dif.pdbx_pdb_id_code 
_struct_ref_seq_dif.mon_id 
_struct_ref_seq_dif.pdbx_pdb_strand_id 
_struct_ref_seq_dif.seq_num 
_struct_ref_seq_dif.pdbx_pdb_ins_code 
_struct_ref_seq_dif.pdbx_seq_db_name 
_struct_ref_seq_dif.pdbx_seq_db_accession_code 
_struct_ref_seq_dif.db_mon_id 
_struct_ref_seq_dif.pdbx_seq_db_seq_num 
_struct_ref_seq_dif.details 
_struct_ref_seq_dif.pdbx_auth_seq_num 
_struct_ref_seq_dif.pdbx_ordinal 
1 5WLF GLY A 1 ? UNP Q9VG78 ? ? 'expression tag' 905 1 
1 5WLF PRO A 2 ? UNP Q9VG78 ? ? 'expression tag' 906 2 
1 5WLF LEU A 3 ? UNP Q9VG78 ? ? 'expression tag' 907 3 
# 
loop_
_chem_comp.id 
_chem_comp.type 
_chem_comp.mon_nstd_flag 
_chem_comp.name 
_chem_comp.pdbx_synonyms 
_chem_comp.formula 
_chem_comp.formula_weight 
ALA 'L-peptide linking' y ALANINE         ?                               'C3 H7 N O2'     89.093  
ARG 'L-peptide linking' y ARGININE        ?                               'C6 H15 N4 O2 1' 175.209 
ASN 'L-peptide linking' y ASPARAGINE      ?                               'C4 H8 N2 O3'    132.118 
ASP 'L-peptide linking' y 'ASPARTIC ACID' ?                               'C4 H7 N O4'     133.103 
CYS 'L-peptide linking' y CYSTEINE        ?                               'C3 H7 N O2 S'   121.158 
GLN 'L-peptide linking' y GLUTAMINE       ?                               'C5 H10 N2 O3'   146.144 
GLU 'L-peptide linking' y 'GLUTAMIC ACID' ?                               'C5 H9 N O4'     147.129 
GLY 'peptide linking'   y GLYCINE         ?                               'C2 H5 N O2'     75.067  
GOL non-polymer         . GLYCEROL        'GLYCERIN; PROPANE-1,2,3-TRIOL' 'C3 H8 O3'       92.094  
HIS 'L-peptide linking' y HISTIDINE       ?                               'C6 H10 N3 O2 1' 156.162 
HOH non-polymer         . WATER           ?                               'H2 O'           18.015  
ILE 'L-peptide linking' y ISOLEUCINE      ?                               'C6 H13 N O2'    131.173 
LEU 'L-peptide linking' y LEUCINE         ?                               'C6 H13 N O2'    131.173 
LYS 'L-peptide linking' y LYSINE          ?                               'C6 H15 N2 O2 1' 147.195 
MET 'L-peptide linking' y METHIONINE      ?                               'C5 H11 N O2 S'  149.211 
PHE 'L-peptide linking' y PHENYLALANINE   ?                               'C9 H11 N O2'    165.189 
PRO 'L-peptide linking' y PROLINE         ?                               'C5 H9 N O2'     115.130 
THR 'L-peptide linking' y THREONINE       ?                               'C4 H9 N O3'     119.119 
TRP 'L-peptide linking' y TRYPTOPHAN      ?                               'C11 H12 N2 O2'  204.225 
VAL 'L-peptide linking' y VALINE          ?                               'C5 H11 N O2'    117.146 
ZN  non-polymer         . 'ZINC ION'      ?                               'Zn 2'           65.409  
# 
_exptl.absorpt_coefficient_mu     ? 
_exptl.absorpt_correction_T_max   ? 
_exptl.absorpt_correction_T_min   ? 
_exptl.absorpt_correction_type    ? 
_exptl.absorpt_process_details    ? 
_exptl.entry_id                   5WLF 
_exptl.crystals_number            1 
_exptl.details                    ? 
_exptl.method                     'X-RAY DIFFRACTION' 
_exptl.method_details             ? 
# 
_exptl_crystal.colour                      ? 
_exptl_crystal.density_diffrn              ? 
_exptl_crystal.density_Matthews            1.72 
_exptl_crystal.density_method              ? 
_exptl_crystal.density_percent_sol         28.30 
_exptl_crystal.description                 ? 
_exptl_crystal.F_000                       ? 
_exptl_crystal.id                          1 
_exptl_crystal.preparation                 ? 
_exptl_crystal.size_max                    ? 
_exptl_crystal.size_mid                    ? 
_exptl_crystal.size_min                    ? 
_exptl_crystal.size_rad                    ? 
_exptl_crystal.colour_lustre               ? 
_exptl_crystal.colour_modifier             ? 
_exptl_crystal.colour_primary              ? 
_exptl_crystal.density_meas                ? 
_exptl_crystal.density_meas_esd            ? 
_exptl_crystal.density_meas_gt             ? 
_exptl_crystal.density_meas_lt             ? 
_exptl_crystal.density_meas_temp           ? 
_exptl_crystal.density_meas_temp_esd       ? 
_exptl_crystal.density_meas_temp_gt        ? 
_exptl_crystal.density_meas_temp_lt        ? 
_exptl_crystal.pdbx_crystal_image_url      ? 
_exptl_crystal.pdbx_crystal_image_format   ? 
_exptl_crystal.pdbx_mosaicity              ? 
_exptl_crystal.pdbx_mosaicity_esd          ? 
# 
_exptl_crystal_grow.apparatus       ? 
_exptl_crystal_grow.atmosphere      ? 
_exptl_crystal_grow.crystal_id      1 
_exptl_crystal_grow.details         ? 
_exptl_crystal_grow.method          'VAPOR DIFFUSION, HANGING DROP' 
_exptl_crystal_grow.method_ref      ? 
_exptl_crystal_grow.pH              ? 
_exptl_crystal_grow.pressure        ? 
_exptl_crystal_grow.pressure_esd    ? 
_exptl_crystal_grow.seeding         ? 
_exptl_crystal_grow.seeding_ref     ? 
_exptl_crystal_grow.temp            291.15 
_exptl_crystal_grow.temp_details    ? 
_exptl_crystal_grow.temp_esd        ? 
_exptl_crystal_grow.time            ? 
_exptl_crystal_grow.pdbx_details    '0.1 M HEPES pH 7.5, 0.2 M NaCl, 25% PEG 3,000' 
_exptl_crystal_grow.pdbx_pH_range   ? 
# 
_diffrn.ambient_environment    ? 
_diffrn.ambient_temp           100 
_diffrn.ambient_temp_details   ? 
_diffrn.ambient_temp_esd       ? 
_diffrn.crystal_id             1 
_diffrn.crystal_support        ? 
_diffrn.crystal_treatment      ? 
_diffrn.details                ? 
_diffrn.id                     1 
_diffrn.ambient_pressure       ? 
_diffrn.ambient_pressure_esd   ? 
_diffrn.ambient_pressure_gt    ? 
_diffrn.ambient_pressure_lt    ? 
_diffrn.ambient_temp_gt        ? 
_diffrn.ambient_temp_lt        ? 
# 
_diffrn_detector.details                      ? 
_diffrn_detector.detector                     CCD 
_diffrn_detector.diffrn_id                    1 
_diffrn_detector.type                         NOIR-1 
_diffrn_detector.area_resol_mean              ? 
_diffrn_detector.dtime                        ? 
_diffrn_detector.pdbx_frames_total            ? 
_diffrn_detector.pdbx_collection_time_total   ? 
_diffrn_detector.pdbx_collection_date         2014-11-07 
# 
_diffrn_radiation.collimation                      ? 
_diffrn_radiation.diffrn_id                        1 
_diffrn_radiation.filter_edge                      ? 
_diffrn_radiation.inhomogeneity                    ? 
_diffrn_radiation.monochromator                    ? 
_diffrn_radiation.polarisn_norm                    ? 
_diffrn_radiation.polarisn_ratio                   ? 
_diffrn_radiation.probe                            ? 
_diffrn_radiation.type                             ? 
_diffrn_radiation.xray_symbol                      ? 
_diffrn_radiation.wavelength_id                    1 
_diffrn_radiation.pdbx_monochromatic_or_laue_m_l   M 
_diffrn_radiation.pdbx_wavelength_list             ? 
_diffrn_radiation.pdbx_wavelength                  ? 
_diffrn_radiation.pdbx_diffrn_protocol             'SINGLE WAVELENGTH' 
_diffrn_radiation.pdbx_analyzer                    ? 
_diffrn_radiation.pdbx_scattering_type             x-ray 
# 
_diffrn_radiation_wavelength.id           1 
_diffrn_radiation_wavelength.wavelength   1.27 
_diffrn_radiation_wavelength.wt           1.0 
# 
_diffrn_source.current                     ? 
_diffrn_source.details                     ? 
_diffrn_source.diffrn_id                   1 
_diffrn_source.power                       ? 
_diffrn_source.size                        ? 
_diffrn_source.source                      SYNCHROTRON 
_diffrn_source.target                      ? 
_diffrn_source.type                        'ALS BEAMLINE 4.2.2' 
_diffrn_source.voltage                     ? 
_diffrn_source.take-off_angle              ? 
_diffrn_source.pdbx_wavelength_list        1.27 
_diffrn_source.pdbx_wavelength             ? 
_diffrn_source.pdbx_synchrotron_beamline   4.2.2 
_diffrn_source.pdbx_synchrotron_site       ALS 
# 
_reflns.B_iso_Wilson_estimate            ? 
_reflns.entry_id                         5WLF 
_reflns.data_reduction_details           ? 
_reflns.data_reduction_method            ? 
_reflns.d_resolution_high                1.2 
_reflns.d_resolution_low                 26.124 
_reflns.details                          ? 
_reflns.limit_h_max                      ? 
_reflns.limit_h_min                      ? 
_reflns.limit_k_max                      ? 
_reflns.limit_k_min                      ? 
_reflns.limit_l_max                      ? 
_reflns.limit_l_min                      ? 
_reflns.number_all                       ? 
_reflns.number_obs                       9642 
_reflns.observed_criterion               ? 
_reflns.observed_criterion_F_max         ? 
_reflns.observed_criterion_F_min         ? 
_reflns.observed_criterion_I_max         ? 
_reflns.observed_criterion_I_min         ? 
_reflns.observed_criterion_sigma_F       ? 
_reflns.observed_criterion_sigma_I       ? 
_reflns.percent_possible_obs             80.1 
_reflns.R_free_details                   ? 
_reflns.Rmerge_F_all                     ? 
_reflns.Rmerge_F_obs                     ? 
_reflns.Friedel_coverage                 ? 
_reflns.number_gt                        ? 
_reflns.threshold_expression             ? 
_reflns.pdbx_redundancy                  9.3 
_reflns.pdbx_Rmerge_I_obs                ? 
_reflns.pdbx_Rmerge_I_all                ? 
_reflns.pdbx_Rsym_value                  ? 
_reflns.pdbx_netI_over_av_sigmaI         ? 
_reflns.pdbx_netI_over_sigmaI            53.02 
_reflns.pdbx_res_netI_over_av_sigmaI_2   ? 
_reflns.pdbx_res_netI_over_sigmaI_2      ? 
_reflns.pdbx_chi_squared                 ? 
_reflns.pdbx_scaling_rejects             ? 
_reflns.pdbx_d_res_high_opt              ? 
_reflns.pdbx_d_res_low_opt               ? 
_reflns.pdbx_d_res_opt_method            ? 
_reflns.phase_calculation_details        ? 
_reflns.pdbx_Rrim_I_all                  ? 
_reflns.pdbx_Rpim_I_all                  ? 
_reflns.pdbx_d_opt                       ? 
_reflns.pdbx_number_measured_all         ? 
_reflns.pdbx_diffrn_id                   1 
_reflns.pdbx_ordinal                     1 
_reflns.pdbx_CC_half                     ? 
_reflns.pdbx_R_split                     ? 
# 
_reflns_shell.d_res_high                  . 
_reflns_shell.d_res_low                   ? 
_reflns_shell.meanI_over_sigI_all         ? 
_reflns_shell.meanI_over_sigI_obs         ? 
_reflns_shell.number_measured_all         ? 
_reflns_shell.number_measured_obs         ? 
_reflns_shell.number_possible             ? 
_reflns_shell.number_unique_all           ? 
_reflns_shell.number_unique_obs           ? 
_reflns_shell.percent_possible_all        ? 
_reflns_shell.percent_possible_obs        ? 
_reflns_shell.Rmerge_F_all                ? 
_reflns_shell.Rmerge_F_obs                ? 
_reflns_shell.Rmerge_I_all                ? 
_reflns_shell.Rmerge_I_obs                ? 
_reflns_shell.meanI_over_sigI_gt          ? 
_reflns_shell.meanI_over_uI_all           ? 
_reflns_shell.meanI_over_uI_gt            ? 
_reflns_shell.number_measured_gt          ? 
_reflns_shell.number_unique_gt            ? 
_reflns_shell.percent_possible_gt         ? 
_reflns_shell.Rmerge_F_gt                 ? 
_reflns_shell.Rmerge_I_gt                 ? 
_reflns_shell.pdbx_redundancy             ? 
_reflns_shell.pdbx_Rsym_value             ? 
_reflns_shell.pdbx_chi_squared            ? 
_reflns_shell.pdbx_netI_over_sigmaI_all   ? 
_reflns_shell.pdbx_netI_over_sigmaI_obs   ? 
_reflns_shell.pdbx_Rrim_I_all             ? 
_reflns_shell.pdbx_Rpim_I_all             ? 
_reflns_shell.pdbx_rejects                ? 
_reflns_shell.pdbx_ordinal                1 
_reflns_shell.pdbx_diffrn_id              1 
_reflns_shell.pdbx_CC_half                ? 
_reflns_shell.pdbx_R_split                ? 
# 
_refine.pdbx_refine_id                           'X-RAY DIFFRACTION' 
_refine.entry_id                                 5WLF 
_refine.pdbx_diffrn_id                           1 
_refine.pdbx_TLS_residual_ADP_flag               ? 
_refine.ls_number_reflns_obs                     9593 
_refine.ls_number_reflns_all                     ? 
_refine.pdbx_ls_sigma_I                          ? 
_refine.pdbx_ls_sigma_F                          1.36 
_refine.pdbx_data_cutoff_high_absF               ? 
_refine.pdbx_data_cutoff_low_absF                ? 
_refine.pdbx_data_cutoff_high_rms_absF           ? 
_refine.ls_d_res_low                             26.124 
_refine.ls_d_res_high                            1.400 
_refine.ls_percent_reflns_obs                    99.26 
_refine.ls_R_factor_obs                          0.1381 
_refine.ls_R_factor_all                          ? 
_refine.ls_R_factor_R_work                       0.1357 
_refine.ls_R_factor_R_free                       0.1602 
_refine.ls_R_factor_R_free_error                 ? 
_refine.ls_R_factor_R_free_error_details         ? 
_refine.ls_percent_reflns_R_free                 10.01 
_refine.ls_number_reflns_R_free                  960 
_refine.ls_number_parameters                     ? 
_refine.ls_number_restraints                     ? 
_refine.occupancy_min                            ? 
_refine.occupancy_max                            ? 
_refine.correlation_coeff_Fo_to_Fc               ? 
_refine.correlation_coeff_Fo_to_Fc_free          ? 
_refine.B_iso_mean                               ? 
_refine.aniso_B[1][1]                            ? 
_refine.aniso_B[2][2]                            ? 
_refine.aniso_B[3][3]                            ? 
_refine.aniso_B[1][2]                            ? 
_refine.aniso_B[1][3]                            ? 
_refine.aniso_B[2][3]                            ? 
_refine.solvent_model_details                    'FLAT BULK SOLVENT MODEL' 
_refine.solvent_model_param_ksol                 ? 
_refine.solvent_model_param_bsol                 ? 
_refine.pdbx_solvent_vdw_probe_radii             1.11 
_refine.pdbx_solvent_ion_probe_radii             ? 
_refine.pdbx_solvent_shrinkage_radii             0.90 
_refine.pdbx_ls_cross_valid_method               'FREE R-VALUE' 
_refine.details                                  ? 
_refine.pdbx_starting_model                      4L7X 
_refine.pdbx_method_to_determine_struct          'MOLECULAR REPLACEMENT' 
_refine.pdbx_isotropic_thermal_model             ? 
_refine.pdbx_stereochemistry_target_values       ML 
_refine.pdbx_stereochem_target_val_spec_case     ? 
_refine.pdbx_R_Free_selection_details            ? 
_refine.pdbx_overall_ESU_R                       ? 
_refine.pdbx_overall_ESU_R_Free                  ? 
_refine.overall_SU_ML                            0.10 
_refine.pdbx_overall_phase_error                 13.82 
_refine.overall_SU_B                             ? 
_refine.overall_SU_R_Cruickshank_DPI             ? 
_refine.pdbx_overall_SU_R_free_Cruickshank_DPI   ? 
_refine.pdbx_overall_SU_R_Blow_DPI               ? 
_refine.pdbx_overall_SU_R_free_Blow_DPI          ? 
# 
_refine_hist.pdbx_refine_id                   'X-RAY DIFFRACTION' 
_refine_hist.cycle_id                         LAST 
_refine_hist.pdbx_number_atoms_protein        477 
_refine_hist.pdbx_number_atoms_nucleic_acid   0 
_refine_hist.pdbx_number_atoms_ligand         8 
_refine_hist.number_atoms_solvent             64 
_refine_hist.number_atoms_total               549 
_refine_hist.d_res_high                       1.400 
_refine_hist.d_res_low                        26.124 
# 
loop_
_refine_ls_restr.type 
_refine_ls_restr.dev_ideal 
_refine_ls_restr.dev_ideal_target 
_refine_ls_restr.weight 
_refine_ls_restr.number 
_refine_ls_restr.pdbx_refine_id 
_refine_ls_restr.pdbx_restraint_function 
f_bond_d           0.006 ? ? 514 'X-RAY DIFFRACTION' ? 
f_angle_d          0.882 ? ? 693 'X-RAY DIFFRACTION' ? 
f_dihedral_angle_d 3.233 ? ? 312 'X-RAY DIFFRACTION' ? 
f_chiral_restr     0.087 ? ? 69  'X-RAY DIFFRACTION' ? 
f_plane_restr      0.008 ? ? 89  'X-RAY DIFFRACTION' ? 
# 
loop_
_refine_ls_shell.pdbx_refine_id 
_refine_ls_shell.pdbx_total_number_of_bins_used 
_refine_ls_shell.d_res_high 
_refine_ls_shell.d_res_low 
_refine_ls_shell.number_reflns_R_work 
_refine_ls_shell.R_factor_R_work 
_refine_ls_shell.percent_reflns_obs 
_refine_ls_shell.R_factor_R_free 
_refine_ls_shell.R_factor_R_free_error 
_refine_ls_shell.percent_reflns_R_free 
_refine_ls_shell.number_reflns_R_free 
_refine_ls_shell.number_reflns_all 
_refine_ls_shell.R_factor_all 
_refine_ls_shell.R_factor_obs 
_refine_ls_shell.number_reflns_obs 
'X-RAY DIFFRACTION' . 1.4000 1.4738  1229 0.1279 100.00 0.1898 . . 137 . . . . 
'X-RAY DIFFRACTION' . 1.4738 1.5662  1239 0.1192 100.00 0.1576 . . 137 . . . . 
'X-RAY DIFFRACTION' . 1.5662 1.6871  1232 0.1121 100.00 0.1311 . . 137 . . . . 
'X-RAY DIFFRACTION' . 1.6871 1.8568  1231 0.1187 100.00 0.1580 . . 137 . . . . 
'X-RAY DIFFRACTION' . 1.8568 2.1254  1234 0.1291 99.00  0.1403 . . 136 . . . . 
'X-RAY DIFFRACTION' . 2.1254 2.6773  1253 0.1462 99.00  0.1661 . . 141 . . . . 
'X-RAY DIFFRACTION' . 2.6773 26.1289 1215 0.1569 96.00  0.1727 . . 135 . . . . 
# 
_struct.entry_id                     5WLF 
_struct.title                        'Crystal structure of the apo PPS PHD finger' 
_struct.pdbx_model_details           ? 
_struct.pdbx_formula_weight          ? 
_struct.pdbx_formula_weight_method   ? 
_struct.pdbx_model_type_details      ? 
_struct.pdbx_CASP_flag               N 
# 
_struct_keywords.entry_id        5WLF 
_struct_keywords.text            'Epigenetic, PHD, Histone, trimethylated, HYDROLASE' 
_struct_keywords.pdbx_keywords   HYDROLASE 
# 
loop_
_struct_asym.id 
_struct_asym.pdbx_blank_PDB_chainid_flag 
_struct_asym.pdbx_modified 
_struct_asym.entity_id 
_struct_asym.details 
A N N 1 ? 
B N N 2 ? 
C N N 3 ? 
D N N 3 ? 
E N N 4 ? 
# 
loop_
_struct_conf.conf_type_id 
_struct_conf.id 
_struct_conf.pdbx_PDB_helix_id 
_struct_conf.beg_label_comp_id 
_struct_conf.beg_label_asym_id 
_struct_conf.beg_label_seq_id 
_struct_conf.pdbx_beg_PDB_ins_code 
_struct_conf.end_label_comp_id 
_struct_conf.end_label_asym_id 
_struct_conf.end_label_seq_id 
_struct_conf.pdbx_end_PDB_ins_code 
_struct_conf.beg_auth_comp_id 
_struct_conf.beg_auth_asym_id 
_struct_conf.beg_auth_seq_id 
_struct_conf.end_auth_comp_id 
_struct_conf.end_auth_asym_id 
_struct_conf.end_auth_seq_id 
_struct_conf.pdbx_PDB_helix_class 
_struct_conf.details 
_struct_conf.pdbx_PDB_helix_length 
HELX_P HELX_P1 AA1 GLY A 32 ? GLY A 36 ? GLY A 936 GLY A 940 1 ? 5  
HELX_P HELX_P2 AA2 THR A 38 ? GLY A 49 ? THR A 942 GLY A 953 1 ? 12 
HELX_P HELX_P3 AA3 LYS A 56 ? ARG A 60 ? LYS A 960 ARG A 964 5 ? 5  
# 
_struct_conf_type.id          HELX_P 
_struct_conf_type.criteria    ? 
_struct_conf_type.reference   ? 
# 
loop_
_struct_conn.id 
_struct_conn.conn_type_id 
_struct_conn.pdbx_leaving_atom_flag 
_struct_conn.pdbx_PDB_id 
_struct_conn.ptnr1_label_asym_id 
_struct_conn.ptnr1_label_comp_id 
_struct_conn.ptnr1_label_seq_id 
_struct_conn.ptnr1_label_atom_id 
_struct_conn.pdbx_ptnr1_label_alt_id 
_struct_conn.pdbx_ptnr1_PDB_ins_code 
_struct_conn.pdbx_ptnr1_standard_comp_id 
_struct_conn.ptnr1_symmetry 
_struct_conn.ptnr2_label_asym_id 
_struct_conn.ptnr2_label_comp_id 
_struct_conn.ptnr2_label_seq_id 
_struct_conn.ptnr2_label_atom_id 
_struct_conn.pdbx_ptnr2_label_alt_id 
_struct_conn.pdbx_ptnr2_PDB_ins_code 
_struct_conn.ptnr1_auth_asym_id 
_struct_conn.ptnr1_auth_comp_id 
_struct_conn.ptnr1_auth_seq_id 
_struct_conn.ptnr2_auth_asym_id 
_struct_conn.ptnr2_auth_comp_id 
_struct_conn.ptnr2_auth_seq_id 
_struct_conn.ptnr2_symmetry 
_struct_conn.pdbx_ptnr3_label_atom_id 
_struct_conn.pdbx_ptnr3_label_seq_id 
_struct_conn.pdbx_ptnr3_label_comp_id 
_struct_conn.pdbx_ptnr3_label_asym_id 
_struct_conn.pdbx_ptnr3_label_alt_id 
_struct_conn.pdbx_ptnr3_PDB_ins_code 
_struct_conn.details 
_struct_conn.pdbx_dist_value 
_struct_conn.pdbx_value_order 
_struct_conn.pdbx_role 
metalc1 metalc ? ? A CYS 9  SG  ? ? ? 1_555 D ZN . ZN ? ? A CYS 913 A ZN 1003 1_555 ? ? ? ? ? ? ? 2.333 ? ? 
metalc2 metalc ? ? A CYS 11 SG  ? ? ? 1_555 D ZN . ZN ? ? A CYS 915 A ZN 1003 1_555 ? ? ? ? ? ? ? 2.290 ? ? 
metalc3 metalc ? ? A CYS 23 SG  ? ? ? 1_555 C ZN . ZN ? ? A CYS 927 A ZN 1002 1_555 ? ? ? ? ? ? ? 2.328 ? ? 
metalc4 metalc ? ? A CYS 26 SG  ? ? ? 1_555 C ZN . ZN ? ? A CYS 930 A ZN 1002 1_555 ? ? ? ? ? ? ? 2.346 ? ? 
metalc5 metalc ? ? A HIS 31 ND1 ? ? ? 1_555 D ZN . ZN ? ? A HIS 935 A ZN 1003 1_555 ? ? ? ? ? ? ? 2.130 ? ? 
metalc6 metalc ? ? A CYS 34 SG  ? ? ? 1_555 D ZN . ZN ? ? A CYS 938 A ZN 1003 1_555 ? ? ? ? ? ? ? 2.255 ? ? 
metalc7 metalc ? ? A CYS 54 SG  ? ? ? 1_555 C ZN . ZN ? ? A CYS 958 A ZN 1002 1_555 ? ? ? ? ? ? ? 2.350 ? ? 
metalc8 metalc ? ? A CYS 57 SG  ? ? ? 1_555 C ZN . ZN ? ? A CYS 961 A ZN 1002 1_555 ? ? ? ? ? ? ? 2.296 ? ? 
# 
_struct_conn_type.id          metalc 
_struct_conn_type.criteria    ? 
_struct_conn_type.reference   ? 
# 
_struct_sheet.id               AA1 
_struct_sheet.type             ? 
_struct_sheet.number_strands   2 
_struct_sheet.details          ? 
# 
_struct_sheet_order.sheet_id     AA1 
_struct_sheet_order.range_id_1   1 
_struct_sheet_order.range_id_2   2 
_struct_sheet_order.offset       ? 
_struct_sheet_order.sense        anti-parallel 
# 
loop_
_struct_sheet_range.sheet_id 
_struct_sheet_range.id 
_struct_sheet_range.beg_label_comp_id 
_struct_sheet_range.beg_label_asym_id 
_struct_sheet_range.beg_label_seq_id 
_struct_sheet_range.pdbx_beg_PDB_ins_code 
_struct_sheet_range.end_label_comp_id 
_struct_sheet_range.end_label_asym_id 
_struct_sheet_range.end_label_seq_id 
_struct_sheet_range.pdbx_end_PDB_ins_code 
_struct_sheet_range.beg_auth_comp_id 
_struct_sheet_range.beg_auth_asym_id 
_struct_sheet_range.beg_auth_seq_id 
_struct_sheet_range.end_auth_comp_id 
_struct_sheet_range.end_auth_asym_id 
_struct_sheet_range.end_auth_seq_id 
AA1 1 MET A 20 ? CYS A 22 ? MET A 924 CYS A 926 
AA1 2 TRP A 29 ? HIS A 31 ? TRP A 933 HIS A 935 
# 
_pdbx_struct_sheet_hbond.sheet_id                AA1 
_pdbx_struct_sheet_hbond.range_id_1              1 
_pdbx_struct_sheet_hbond.range_id_2              2 
_pdbx_struct_sheet_hbond.range_1_label_atom_id   N 
_pdbx_struct_sheet_hbond.range_1_label_comp_id   ILE 
_pdbx_struct_sheet_hbond.range_1_label_asym_id   A 
_pdbx_struct_sheet_hbond.range_1_label_seq_id    21 
_pdbx_struct_sheet_hbond.range_1_PDB_ins_code    ? 
_pdbx_struct_sheet_hbond.range_1_auth_atom_id    N 
_pdbx_struct_sheet_hbond.range_1_auth_comp_id    ILE 
_pdbx_struct_sheet_hbond.range_1_auth_asym_id    A 
_pdbx_struct_sheet_hbond.range_1_auth_seq_id     925 
_pdbx_struct_sheet_hbond.range_2_label_atom_id   O 
_pdbx_struct_sheet_hbond.range_2_label_comp_id   PHE 
_pdbx_struct_sheet_hbond.range_2_label_asym_id   A 
_pdbx_struct_sheet_hbond.range_2_label_seq_id    30 
_pdbx_struct_sheet_hbond.range_2_PDB_ins_code    ? 
_pdbx_struct_sheet_hbond.range_2_auth_atom_id    O 
_pdbx_struct_sheet_hbond.range_2_auth_comp_id    PHE 
_pdbx_struct_sheet_hbond.range_2_auth_asym_id    A 
_pdbx_struct_sheet_hbond.range_2_auth_seq_id     934 
# 
loop_
_struct_site.id 
_struct_site.pdbx_evidence_code 
_struct_site.pdbx_auth_asym_id 
_struct_site.pdbx_auth_comp_id 
_struct_site.pdbx_auth_seq_id 
_struct_site.pdbx_auth_ins_code 
_struct_site.pdbx_num_residues 
_struct_site.details 
AC1 Software A GOL 1001 ? 6 'binding site for residue GOL A 1001' 
AC2 Software A ZN  1002 ? 4 'binding site for residue ZN A 1002'  
AC3 Software A ZN  1003 ? 4 'binding site for residue ZN A 1003'  
# 
loop_
_struct_site_gen.id 
_struct_site_gen.site_id 
_struct_site_gen.pdbx_num_res 
_struct_site_gen.label_comp_id 
_struct_site_gen.label_asym_id 
_struct_site_gen.label_seq_id 
_struct_site_gen.pdbx_auth_ins_code 
_struct_site_gen.auth_comp_id 
_struct_site_gen.auth_asym_id 
_struct_site_gen.auth_seq_id 
_struct_site_gen.label_atom_id 
_struct_site_gen.label_alt_id 
_struct_site_gen.symmetry 
_struct_site_gen.details 
1  AC1 6 CYS A 11 ? CYS A 915  . ? 1_555 ? 
2  AC1 6 GLN A 13 ? GLN A 917  . ? 1_555 ? 
3  AC1 6 ARG A 18 ? ARG A 922  . ? 1_555 ? 
4  AC1 6 HOH E .  ? HOH A 1116 . ? 1_555 ? 
5  AC1 6 HOH E .  ? HOH A 1128 . ? 1_555 ? 
6  AC1 6 HOH E .  ? HOH A 1129 . ? 1_555 ? 
7  AC2 4 CYS A 23 ? CYS A 927  . ? 1_555 ? 
8  AC2 4 CYS A 26 ? CYS A 930  . ? 1_555 ? 
9  AC2 4 CYS A 54 ? CYS A 958  . ? 1_555 ? 
10 AC2 4 CYS A 57 ? CYS A 961  . ? 1_555 ? 
11 AC3 4 CYS A 9  ? CYS A 913  . ? 1_555 ? 
12 AC3 4 CYS A 11 ? CYS A 915  . ? 1_555 ? 
13 AC3 4 HIS A 31 ? HIS A 935  . ? 1_555 ? 
14 AC3 4 CYS A 34 ? CYS A 938  . ? 1_555 ? 
# 
_atom_sites.entry_id                    5WLF 
_atom_sites.fract_transf_matrix[1][1]   0.03824820 
_atom_sites.fract_transf_matrix[1][2]   0.02149683 
_atom_sites.fract_transf_matrix[1][3]   0.00186579 
_atom_sites.fract_transf_matrix[2][1]   -0.00772834 
_atom_sites.fract_transf_matrix[2][2]   0.01203995 
_atom_sites.fract_transf_matrix[2][3]   0.01970986 
_atom_sites.fract_transf_matrix[3][1]   0.01909429 
_atom_sites.fract_transf_matrix[3][2]   -0.02445057 
_atom_sites.fract_transf_matrix[3][3]   0.02242283 
_atom_sites.fract_transf_vector[1]      0.471975 
_atom_sites.fract_transf_vector[2]      0.012707 
_atom_sites.fract_transf_vector[3]      0.206253 
# 
loop_
_atom_type.symbol 
C  
N  
O  
S  
ZN 
# 
loop_
_atom_site.group_PDB 
_atom_site.id 
_atom_site.type_symbol 
_atom_site.label_atom_id 
_atom_site.label_alt_id 
_atom_site.label_comp_id 
_atom_site.label_asym_id 
_atom_site.label_entity_id 
_atom_site.label_seq_id 
_atom_site.pdbx_PDB_ins_code 
_atom_site.Cartn_x 
_atom_site.Cartn_y 
_atom_site.Cartn_z 
_atom_site.occupancy 
_atom_site.B_iso_or_equiv 
_atom_site.pdbx_formal_charge 
_atom_site.auth_seq_id 
_atom_site.auth_comp_id 
_atom_site.auth_asym_id 
_atom_site.auth_atom_id 
_atom_site.pdbx_PDB_model_num 
ATOM   1   N  N   . GLY A 1 1  ? 13.276  -10.057 -2.967  1.00 16.09 ? 905  GLY A N   1 
ATOM   2   C  CA  . GLY A 1 1  ? 12.533  -11.267 -2.655  1.00 12.49 ? 905  GLY A CA  1 
ATOM   3   C  C   . GLY A 1 1  ? 12.556  -12.322 -3.748  1.00 8.64  ? 905  GLY A C   1 
ATOM   4   O  O   . GLY A 1 1  ? 13.152  -12.136 -4.805  1.00 9.51  ? 905  GLY A O   1 
ATOM   5   N  N   . PRO A 1 2  ? 11.884  -13.449 -3.488  1.00 6.89  ? 906  PRO A N   1 
ATOM   6   C  CA  . PRO A 1 2  ? 11.920  -14.576 -4.430  1.00 5.97  ? 906  PRO A CA  1 
ATOM   7   C  C   . PRO A 1 2  ? 11.058  -14.401 -5.665  1.00 5.00  ? 906  PRO A C   1 
ATOM   8   O  O   . PRO A 1 2  ? 11.147  -15.240 -6.571  1.00 4.97  ? 906  PRO A O   1 
ATOM   9   C  CB  . PRO A 1 2  ? 11.402  -15.744 -3.588  1.00 7.09  ? 906  PRO A CB  1 
ATOM   10  C  CG  . PRO A 1 2  ? 10.493  -15.091 -2.593  1.00 7.55  ? 906  PRO A CG  1 
ATOM   11  C  CD  . PRO A 1 2  ? 11.151  -13.778 -2.256  1.00 7.80  ? 906  PRO A CD  1 
ATOM   12  N  N   . LEU A 1 3  ? 10.225  -13.367 -5.743  1.00 4.77  ? 907  LEU A N   1 
ATOM   13  C  CA  . LEU A 1 3  ? 9.331   -13.166 -6.886  1.00 5.21  ? 907  LEU A CA  1 
ATOM   14  C  C   . LEU A 1 3  ? 9.529   -11.764 -7.432  1.00 7.01  ? 907  LEU A C   1 
ATOM   15  O  O   . LEU A 1 3  ? 8.643   -10.907 -7.322  1.00 6.38  ? 907  LEU A O   1 
ATOM   16  C  CB  . LEU A 1 3  ? 7.871   -13.444 -6.530  1.00 4.76  ? 907  LEU A CB  1 
ATOM   17  C  CG  . LEU A 1 3  ? 7.552   -14.928 -6.330  1.00 7.17  ? 907  LEU A CG  1 
ATOM   18  C  CD1 . LEU A 1 3  ? 6.123   -15.083 -5.804  1.00 9.53  ? 907  LEU A CD1 1 
ATOM   19  C  CD2 . LEU A 1 3  ? 7.744   -15.751 -7.602  1.00 8.32  ? 907  LEU A CD2 1 
ATOM   20  N  N   . PRO A 1 4  ? 10.691  -11.496 -8.027  1.00 5.69  ? 908  PRO A N   1 
ATOM   21  C  CA  . PRO A 1 4  ? 10.992  -10.127 -8.476  1.00 6.32  ? 908  PRO A CA  1 
ATOM   22  C  C   . PRO A 1 4  ? 10.071  -9.612  -9.557  1.00 6.95  ? 908  PRO A C   1 
ATOM   23  O  O   . PRO A 1 4  ? 10.046  -8.396  -9.791  1.00 8.96  ? 908  PRO A O   1 
ATOM   24  C  CB  . PRO A 1 4  ? 12.440  -10.230 -8.977  1.00 9.83  ? 908  PRO A CB  1 
ATOM   25  C  CG  . PRO A 1 4  ? 12.627  -11.680 -9.303  1.00 7.35  ? 908  PRO A CG  1 
ATOM   26  C  CD  . PRO A 1 4  ? 11.815  -12.416 -8.281  1.00 5.93  ? 908  PRO A CD  1 
ATOM   27  N  N   . ASN A 1 5  ? 9.333   -10.476 -10.240 1.00 6.57  ? 909  ASN A N   1 
ATOM   28  C  CA  . ASN A 1 5  ? 8.388   -9.997  -11.236 1.00 10.67 ? 909  ASN A CA  1 
ATOM   29  C  C   . ASN A 1 5  ? 6.973   -9.840  -10.694 1.00 8.19  ? 909  ASN A C   1 
ATOM   30  O  O   . ASN A 1 5  ? 6.084   -9.437  -11.447 1.00 9.48  ? 909  ASN A O   1 
ATOM   31  C  CB  . ASN A 1 5  ? 8.403   -10.895 -12.479 1.00 17.13 ? 909  ASN A CB  1 
ATOM   32  C  CG  . ASN A 1 5  ? 9.774   -10.953 -13.150 1.00 19.98 ? 909  ASN A CG  1 
ATOM   33  O  OD1 . ASN A 1 5  ? 10.306  -12.034 -13.403 1.00 25.38 ? 909  ASN A OD1 1 
ATOM   34  N  ND2 . ASN A 1 5  ? 10.347  -9.791  -13.442 1.00 17.63 ? 909  ASN A ND2 1 
ATOM   35  N  N   A LYS A 1 6  ? 6.742   -10.148 -9.416  0.52 5.50  ? 910  LYS A N   1 
ATOM   36  N  N   B LYS A 1 6  ? 6.746   -10.139 -9.414  0.48 5.50  ? 910  LYS A N   1 
ATOM   37  C  CA  A LYS A 1 6  ? 5.422   -9.964  -8.821  0.52 5.50  ? 910  LYS A CA  1 
ATOM   38  C  CA  B LYS A 1 6  ? 5.425   -9.966  -8.817  0.48 5.50  ? 910  LYS A CA  1 
ATOM   39  C  C   A LYS A 1 6  ? 5.091   -8.481  -8.731  0.52 4.81  ? 910  LYS A C   1 
ATOM   40  C  C   B LYS A 1 6  ? 5.085   -8.485  -8.713  0.48 4.81  ? 910  LYS A C   1 
ATOM   41  O  O   A LYS A 1 6  ? 5.905   -7.676  -8.264  0.52 5.80  ? 910  LYS A O   1 
ATOM   42  O  O   B LYS A 1 6  ? 5.885   -7.685  -8.218  0.48 5.79  ? 910  LYS A O   1 
ATOM   43  C  CB  A LYS A 1 6  ? 5.380   -10.581 -7.424  0.52 6.46  ? 910  LYS A CB  1 
ATOM   44  C  CB  B LYS A 1 6  ? 5.391   -10.596 -7.427  0.48 6.47  ? 910  LYS A CB  1 
ATOM   45  C  CG  A LYS A 1 6  ? 4.068   -10.351 -6.675  0.52 6.98  ? 910  LYS A CG  1 
ATOM   46  C  CG  B LYS A 1 6  ? 4.144   -10.265 -6.616  0.48 7.01  ? 910  LYS A CG  1 
ATOM   47  C  CD  A LYS A 1 6  ? 3.005   -11.361 -7.075  0.52 8.09  ? 910  LYS A CD  1 
ATOM   48  C  CD  B LYS A 1 6  ? 2.920   -10.980 -7.150  0.48 7.70  ? 910  LYS A CD  1 
ATOM   49  C  CE  A LYS A 1 6  ? 1.715   -11.138 -6.295  0.52 9.82  ? 910  LYS A CE  1 
ATOM   50  C  CE  B LYS A 1 6  ? 1.707   -10.681 -6.291  0.48 9.69  ? 910  LYS A CE  1 
ATOM   51  N  NZ  A LYS A 1 6  ? 1.026   -9.881  -6.698  0.52 13.21 ? 910  LYS A NZ  1 
ATOM   52  N  NZ  B LYS A 1 6  ? 0.542   -11.514 -6.698  0.48 10.13 ? 910  LYS A NZ  1 
ATOM   53  N  N   . LEU A 1 7  ? 3.889   -8.127  -9.169  1.00 4.38  ? 911  LEU A N   1 
ATOM   54  C  CA  . LEU A 1 7  ? 3.460   -6.739  -9.247  1.00 4.68  ? 911  LEU A CA  1 
ATOM   55  C  C   . LEU A 1 7  ? 2.500   -6.382  -8.117  1.00 4.26  ? 911  LEU A C   1 
ATOM   56  O  O   . LEU A 1 7  ? 1.728   -7.215  -7.636  1.00 5.48  ? 911  LEU A O   1 
ATOM   57  C  CB  . LEU A 1 7  ? 2.781   -6.488  -10.590 1.00 5.71  ? 911  LEU A CB  1 
ATOM   58  C  CG  . LEU A 1 7  ? 3.613   -6.902  -11.801 1.00 3.87  ? 911  LEU A CG  1 
ATOM   59  C  CD1 . LEU A 1 7  ? 2.823   -6.623  -13.063 1.00 6.58  ? 911  LEU A CD1 1 
ATOM   60  C  CD2 . LEU A 1 7  ? 4.917   -6.125  -11.807 1.00 6.04  ? 911  LEU A CD2 1 
ATOM   61  N  N   . TRP A 1 8  ? 2.551   -5.115  -7.718  1.00 3.42  ? 912  TRP A N   1 
ATOM   62  C  CA  . TRP A 1 8  ? 1.702   -4.557  -6.679  1.00 4.05  ? 912  TRP A CA  1 
ATOM   63  C  C   . TRP A 1 8  ? 1.226   -3.193  -7.144  1.00 4.26  ? 912  TRP A C   1 
ATOM   64  O  O   . TRP A 1 8  ? 1.667   -2.673  -8.172  1.00 4.49  ? 912  TRP A O   1 
ATOM   65  C  CB  . TRP A 1 8  ? 2.477   -4.363  -5.364  1.00 4.79  ? 912  TRP A CB  1 
ATOM   66  C  CG  . TRP A 1 8  ? 3.236   -5.568  -4.923  1.00 3.93  ? 912  TRP A CG  1 
ATOM   67  C  CD1 . TRP A 1 8  ? 4.555   -5.820  -5.136  1.00 7.26  ? 912  TRP A CD1 1 
ATOM   68  C  CD2 . TRP A 1 8  ? 2.716   -6.696  -4.208  1.00 4.67  ? 912  TRP A CD2 1 
ATOM   69  N  NE1 . TRP A 1 8  ? 4.898   -7.040  -4.593  1.00 5.75  ? 912  TRP A NE1 1 
ATOM   70  C  CE2 . TRP A 1 8  ? 3.783   -7.594  -4.015  1.00 4.20  ? 912  TRP A CE2 1 
ATOM   71  C  CE3 . TRP A 1 8  ? 1.450   -7.030  -3.710  1.00 6.04  ? 912  TRP A CE3 1 
ATOM   72  C  CZ2 . TRP A 1 8  ? 3.624   -8.809  -3.347  1.00 6.01  ? 912  TRP A CZ2 1 
ATOM   73  C  CZ3 . TRP A 1 8  ? 1.295   -8.239  -3.051  1.00 7.60  ? 912  TRP A CZ3 1 
ATOM   74  C  CH2 . TRP A 1 8  ? 2.378   -9.108  -2.868  1.00 7.41  ? 912  TRP A CH2 1 
ATOM   75  N  N   . CYS A 1 9  ? 0.298   -2.629  -6.368  1.00 3.76  ? 913  CYS A N   1 
ATOM   76  C  CA  . CYS A 1 9  ? 0.018   -1.199  -6.373  1.00 3.29  ? 913  CYS A CA  1 
ATOM   77  C  C   . CYS A 1 9  ? -0.796  -0.757  -7.577  1.00 4.39  ? 913  CYS A C   1 
ATOM   78  O  O   . CYS A 1 9  ? -1.101  -1.553  -8.477  1.00 5.19  ? 913  CYS A O   1 
ATOM   79  C  CB  . CYS A 1 9  ? 1.333   -0.423  -6.246  1.00 3.57  ? 913  CYS A CB  1 
ATOM   80  S  SG  . CYS A 1 9  ? 1.206   1.339   -5.852  1.00 3.72  ? 913  CYS A SG  1 
ATOM   81  N  N   . ILE A 1 10 ? -1.174  0.525   -7.588  1.00 4.33  ? 914  ILE A N   1 
ATOM   82  C  CA  . ILE A 1 10 ? -1.808  1.104   -8.766  1.00 4.82  ? 914  ILE A CA  1 
ATOM   83  C  C   . ILE A 1 10 ? -0.821  1.211   -9.914  1.00 5.83  ? 914  ILE A C   1 
ATOM   84  O  O   . ILE A 1 10 ? -1.231  1.302   -11.077 1.00 6.87  ? 914  ILE A O   1 
ATOM   85  C  CB  . ILE A 1 10 ? -2.442  2.472   -8.433  1.00 6.36  ? 914  ILE A CB  1 
ATOM   86  C  CG1 . ILE A 1 10 ? -1.389  3.459   -7.929  1.00 7.30  ? 914  ILE A CG1 1 
ATOM   87  C  CG2 . ILE A 1 10 ? -3.546  2.316   -7.404  1.00 9.85  ? 914  ILE A CG2 1 
ATOM   88  C  CD1 . ILE A 1 10 ? -1.965  4.842   -7.665  1.00 12.25 ? 914  ILE A CD1 1 
ATOM   89  N  N   . CYS A 1 11 ? 0.478   1.183   -9.623  1.00 5.07  ? 915  CYS A N   1 
ATOM   90  C  CA  . CYS A 1 11 ? 1.496   1.313   -10.658 1.00 4.84  ? 915  CYS A CA  1 
ATOM   91  C  C   . CYS A 1 11 ? 1.911   -0.019  -11.274 1.00 4.99  ? 915  CYS A C   1 
ATOM   92  O  O   . CYS A 1 11 ? 2.648   -0.014  -12.266 1.00 5.87  ? 915  CYS A O   1 
ATOM   93  C  CB  . CYS A 1 11 ? 2.737   2.010   -10.093 1.00 5.18  ? 915  CYS A CB  1 
ATOM   94  S  SG  . CYS A 1 11 ? 3.614   1.006   -8.856  1.00 4.84  ? 915  CYS A SG  1 
ATOM   95  N  N   . ARG A 1 12 ? 1.461   -1.144  -10.726 1.00 3.86  ? 916  ARG A N   1 
ATOM   96  C  CA  . ARG A 1 12 ? 1.788   -2.462  -11.275 1.00 3.95  ? 916  ARG A CA  1 
ATOM   97  C  C   . ARG A 1 12 ? 3.298   -2.614  -11.472 1.00 4.83  ? 916  ARG A C   1 
ATOM   98  O  O   . ARG A 1 12 ? 3.794   -2.884  -12.569 1.00 4.59  ? 916  ARG A O   1 
ATOM   99  C  CB  . ARG A 1 12 ? 1.011   -2.737  -12.562 1.00 4.85  ? 916  ARG A CB  1 
ATOM   100 C  CG  . ARG A 1 12 ? -0.506  -2.651  -12.379 1.00 6.02  ? 916  ARG A CG  1 
ATOM   101 C  CD  . ARG A 1 12 ? -1.027  -3.731  -11.406 1.00 6.00  ? 916  ARG A CD  1 
ATOM   102 N  NE  . ARG A 1 12 ? -0.899  -5.051  -12.007 1.00 6.43  ? 916  ARG A NE  1 
ATOM   103 C  CZ  . ARG A 1 12 ? -0.874  -6.206  -11.351 1.00 7.75  ? 916  ARG A CZ  1 
ATOM   104 N  NH1 . ARG A 1 12 ? -0.979  -6.247  -10.030 1.00 8.40  ? 916  ARG A NH1 1 
ATOM   105 N  NH2 . ARG A 1 12 ? -0.752  -7.340  -12.034 1.00 9.56  ? 916  ARG A NH2 1 
ATOM   106 N  N   . GLN A 1 13 ? 4.034   -2.390  -10.392 1.00 3.72  ? 917  GLN A N   1 
ATOM   107 C  CA  . GLN A 1 13 ? 5.482   -2.538  -10.367 1.00 3.46  ? 917  GLN A CA  1 
ATOM   108 C  C   . GLN A 1 13 ? 5.854   -3.413  -9.180  1.00 3.34  ? 917  GLN A C   1 
ATOM   109 O  O   . GLN A 1 13 ? 5.069   -3.565  -8.237  1.00 4.40  ? 917  GLN A O   1 
ATOM   110 C  CB  . GLN A 1 13 ? 6.204   -1.182  -10.252 1.00 4.63  ? 917  GLN A CB  1 
ATOM   111 C  CG  . GLN A 1 13 ? 5.712   -0.128  -11.236 1.00 5.85  ? 917  GLN A CG  1 
ATOM   112 C  CD  . GLN A 1 13 ? 6.408   -0.164  -12.576 1.00 5.34  ? 917  GLN A CD  1 
ATOM   113 O  OE1 . GLN A 1 13 ? 7.111   0.776   -12.934 1.00 5.89  ? 917  GLN A OE1 1 
ATOM   114 N  NE2 . GLN A 1 13 ? 6.187   -1.223  -13.339 1.00 5.56  ? 917  GLN A NE2 1 
ATOM   115 N  N   . PRO A 1 14 ? 7.043   -4.011  -9.197  1.00 4.43  ? 918  PRO A N   1 
ATOM   116 C  CA  . PRO A 1 14 ? 7.464   -4.858  -8.072  1.00 5.52  ? 918  PRO A CA  1 
ATOM   117 C  C   . PRO A 1 14 ? 7.685   -4.069  -6.784  1.00 5.84  ? 918  PRO A C   1 
ATOM   118 O  O   . PRO A 1 14 ? 7.708   -2.840  -6.750  1.00 4.79  ? 918  PRO A O   1 
ATOM   119 C  CB  . PRO A 1 14 ? 8.777   -5.482  -8.565  1.00 5.08  ? 918  PRO A CB  1 
ATOM   120 C  CG  . PRO A 1 14 ? 8.727   -5.371  -10.067 1.00 6.51  ? 918  PRO A CG  1 
ATOM   121 C  CD  . PRO A 1 14 ? 7.980   -4.092  -10.335 1.00 5.22  ? 918  PRO A CD  1 
ATOM   122 N  N   . HIS A 1 15 ? 7.846   -4.834  -5.700  1.00 5.60  ? 919  HIS A N   1 
ATOM   123 C  CA  . HIS A 1 15 ? 8.098   -4.274  -4.373  1.00 4.70  ? 919  HIS A CA  1 
ATOM   124 C  C   . HIS A 1 15 ? 9.375   -3.428  -4.364  1.00 6.54  ? 919  HIS A C   1 
ATOM   125 O  O   . HIS A 1 15 ? 9.383   -2.290  -3.874  1.00 5.07  ? 919  HIS A O   1 
ATOM   126 C  CB  . HIS A 1 15 ? 8.207   -5.454  -3.395  1.00 6.09  ? 919  HIS A CB  1 
ATOM   127 C  CG  . HIS A 1 15 ? 8.445   -5.071  -1.967  1.00 8.15  ? 919  HIS A CG  1 
ATOM   128 N  ND1 . HIS A 1 15 ? 8.649   -6.014  -0.982  1.00 17.04 ? 919  HIS A ND1 1 
ATOM   129 C  CD2 . HIS A 1 15 ? 8.473   -3.869  -1.346  1.00 8.00  ? 919  HIS A CD2 1 
ATOM   130 C  CE1 . HIS A 1 15 ? 8.822   -5.406  0.179   1.00 16.32 ? 919  HIS A CE1 1 
ATOM   131 N  NE2 . HIS A 1 15 ? 8.727   -4.102  -0.015  1.00 9.84  ? 919  HIS A NE2 1 
ATOM   132 N  N   . ASN A 1 16 ? 10.475  -3.978  -4.879  1.00 7.54  ? 920  ASN A N   1 
ATOM   133 C  CA  . ASN A 1 16 ? 11.762  -3.271  -4.976  1.00 8.32  ? 920  ASN A CA  1 
ATOM   134 C  C   . ASN A 1 16 ? 12.247  -2.756  -3.621  1.00 8.18  ? 920  ASN A C   1 
ATOM   135 O  O   . ASN A 1 16 ? 12.909  -1.715  -3.540  1.00 7.39  ? 920  ASN A O   1 
ATOM   136 C  CB  . ASN A 1 16 ? 11.737  -2.146  -6.021  1.00 10.91 ? 920  ASN A CB  1 
ATOM   137 C  CG  . ASN A 1 16 ? 11.833  -2.665  -7.445  1.00 17.30 ? 920  ASN A CG  1 
ATOM   138 O  OD1 . ASN A 1 16 ? 12.159  -3.829  -7.676  1.00 17.60 ? 920  ASN A OD1 1 
ATOM   139 N  ND2 . ASN A 1 16 ? 11.565  -1.795  -8.407  1.00 19.17 ? 920  ASN A ND2 1 
ATOM   140 N  N   . ASN A 1 17 ? 11.897  -3.473  -2.554  1.00 7.22  ? 921  ASN A N   1 
ATOM   141 C  CA  . ASN A 1 17 ? 12.302  -3.138  -1.187  1.00 7.47  ? 921  ASN A CA  1 
ATOM   142 C  C   . ASN A 1 17 ? 11.836  -1.752  -0.751  1.00 8.72  ? 921  ASN A C   1 
ATOM   143 O  O   . ASN A 1 17 ? 12.439  -1.125  0.128   1.00 11.49 ? 921  ASN A O   1 
ATOM   144 C  CB  . ASN A 1 17 ? 13.805  -3.334  -0.971  1.00 11.91 ? 921  ASN A CB  1 
ATOM   145 C  CG  . ASN A 1 17 ? 14.211  -4.784  -1.083  1.00 16.60 ? 921  ASN A CG  1 
ATOM   146 O  OD1 . ASN A 1 17 ? 13.466  -5.677  -0.677  1.00 19.59 ? 921  ASN A OD1 1 
ATOM   147 N  ND2 . ASN A 1 17 ? 15.385  -5.032  -1.642  1.00 21.17 ? 921  ASN A ND2 1 
ATOM   148 N  N   . ARG A 1 18 ? 10.743  -1.276  -1.333  1.00 5.68  ? 922  ARG A N   1 
ATOM   149 C  CA  . ARG A 1 18 ? 10.163  0.011   -0.993  1.00 6.08  ? 922  ARG A CA  1 
ATOM   150 C  C   . ARG A 1 18 ? 9.096   -0.145  0.081   1.00 5.27  ? 922  ARG A C   1 
ATOM   151 O  O   . ARG A 1 18 ? 8.514   -1.216  0.269   1.00 5.70  ? 922  ARG A O   1 
ATOM   152 C  CB  . ARG A 1 18 ? 9.522   0.623   -2.235  1.00 5.66  ? 922  ARG A CB  1 
ATOM   153 C  CG  . ARG A 1 18 ? 10.497  0.854   -3.377  1.00 5.91  ? 922  ARG A CG  1 
ATOM   154 C  CD  . ARG A 1 18 ? 9.765   1.156   -4.664  1.00 6.33  ? 922  ARG A CD  1 
ATOM   155 N  NE  . ARG A 1 18 ? 9.028   2.408   -4.550  1.00 5.71  ? 922  ARG A NE  1 
ATOM   156 C  CZ  . ARG A 1 18 ? 8.196   2.859   -5.479  1.00 6.18  ? 922  ARG A CZ  1 
ATOM   157 N  NH1 . ARG A 1 18 ? 7.993   2.150   -6.591  1.00 6.12  ? 922  ARG A NH1 1 
ATOM   158 N  NH2 . ARG A 1 18 ? 7.575   4.017   -5.302  1.00 8.07  ? 922  ARG A NH2 1 
ATOM   159 N  N   . PHE A 1 19 ? 8.840   0.950   0.785   1.00 4.47  ? 923  PHE A N   1 
ATOM   160 C  CA  . PHE A 1 19 ? 7.769   0.977   1.766   1.00 4.53  ? 923  PHE A CA  1 
ATOM   161 C  C   . PHE A 1 19 ? 6.419   0.785   1.083   1.00 4.01  ? 923  PHE A C   1 
ATOM   162 O  O   . PHE A 1 19 ? 6.066   1.508   0.143   1.00 4.44  ? 923  PHE A O   1 
ATOM   163 C  CB  . PHE A 1 19 ? 7.784   2.312   2.502   1.00 4.21  ? 923  PHE A CB  1 
ATOM   164 C  CG  . PHE A 1 19 ? 6.619   2.492   3.430   1.00 4.10  ? 923  PHE A CG  1 
ATOM   165 C  CD1 . PHE A 1 19 ? 6.497   1.689   4.556   1.00 6.02  ? 923  PHE A CD1 1 
ATOM   166 C  CD2 . PHE A 1 19 ? 5.637   3.432   3.165   1.00 5.07  ? 923  PHE A CD2 1 
ATOM   167 C  CE1 . PHE A 1 19 ? 5.434   1.848   5.416   1.00 5.75  ? 923  PHE A CE1 1 
ATOM   168 C  CE2 . PHE A 1 19 ? 4.565   3.580   4.018   1.00 4.86  ? 923  PHE A CE2 1 
ATOM   169 C  CZ  . PHE A 1 19 ? 4.466   2.788   5.143   1.00 6.08  ? 923  PHE A CZ  1 
ATOM   170 N  N   . MET A 1 20 ? 5.657   -0.194  1.563   1.00 4.21  ? 924  MET A N   1 
ATOM   171 C  CA  . MET A 1 20 ? 4.325   -0.462  1.039   1.00 4.51  ? 924  MET A CA  1 
ATOM   172 C  C   . MET A 1 20 ? 3.319   -0.584  2.173   1.00 4.71  ? 924  MET A C   1 
ATOM   173 O  O   . MET A 1 20 ? 3.667   -0.944  3.300   1.00 5.52  ? 924  MET A O   1 
ATOM   174 C  CB  . MET A 1 20 ? 4.274   -1.749  0.203   1.00 5.01  ? 924  MET A CB  1 
ATOM   175 C  CG  . MET A 1 20 ? 5.219   -1.757  -1.004  1.00 4.26  ? 924  MET A CG  1 
ATOM   176 S  SD  . MET A 1 20 ? 4.809   -3.045  -2.216  1.00 7.15  ? 924  MET A SD  1 
ATOM   177 C  CE  . MET A 1 20 ? 4.822   -4.521  -1.194  1.00 9.91  ? 924  MET A CE  1 
ATOM   178 N  N   . ILE A 1 21 ? 2.055   -0.300  1.847   1.00 3.67  ? 925  ILE A N   1 
ATOM   179 C  CA  . ILE A 1 21 ? 0.930   -0.416  2.771   1.00 3.29  ? 925  ILE A CA  1 
ATOM   180 C  C   . ILE A 1 21 ? -0.181  -1.246  2.134   1.00 2.52  ? 925  ILE A C   1 
ATOM   181 O  O   . ILE A 1 21 ? -0.246  -1.424  0.915   1.00 4.07  ? 925  ILE A O   1 
ATOM   182 C  CB  . ILE A 1 21 ? 0.375   0.965   3.189   1.00 3.07  ? 925  ILE A CB  1 
ATOM   183 C  CG1 . ILE A 1 21 ? -0.005  1.812   1.968   1.00 4.67  ? 925  ILE A CG1 1 
ATOM   184 C  CG2 . ILE A 1 21 ? 1.373   1.710   4.062   1.00 5.31  ? 925  ILE A CG2 1 
ATOM   185 C  CD1 . ILE A 1 21 ? -0.605  3.173   2.345   1.00 6.11  ? 925  ILE A CD1 1 
ATOM   186 N  N   . CYS A 1 22 ? -1.097  -1.711  2.977   1.00 4.43  ? 926  CYS A N   1 
ATOM   187 C  CA  . CYS A 1 22 ? -2.105  -2.681  2.578   1.00 3.51  ? 926  CYS A CA  1 
ATOM   188 C  C   . CYS A 1 22 ? -3.496  -2.074  2.684   1.00 3.83  ? 926  CYS A C   1 
ATOM   189 O  O   . CYS A 1 22 ? -3.861  -1.520  3.726   1.00 4.88  ? 926  CYS A O   1 
ATOM   190 C  CB  . CYS A 1 22 ? -2.003  -3.916  3.468   1.00 3.72  ? 926  CYS A CB  1 
ATOM   191 S  SG  . CYS A 1 22 ? -3.100  -5.249  2.965   1.00 6.07  ? 926  CYS A SG  1 
ATOM   192 N  N   . CYS A 1 23 ? -4.268  -2.183  1.607   1.00 2.71  ? 927  CYS A N   1 
ATOM   193 C  CA  . CYS A 1 23 ? -5.627  -1.660  1.590   1.00 3.82  ? 927  CYS A CA  1 
ATOM   194 C  C   . CYS A 1 23 ? -6.555  -2.644  2.277   1.00 5.84  ? 927  CYS A C   1 
ATOM   195 O  O   . CYS A 1 23 ? -6.585  -3.832  1.935   1.00 6.66  ? 927  CYS A O   1 
ATOM   196 C  CB  . CYS A 1 23 ? -6.085  -1.471  0.146   1.00 3.74  ? 927  CYS A CB  1 
ATOM   197 S  SG  . CYS A 1 23 ? -7.844  -0.999  -0.007  1.00 4.01  ? 927  CYS A SG  1 
ATOM   198 N  N   . ASP A 1 24 ? -7.335  -2.165  3.231   1.00 7.32  ? 928  ASP A N   1 
ATOM   199 C  CA  . ASP A 1 24 ? -8.096  -3.187  3.934   1.00 13.52 ? 928  ASP A CA  1 
ATOM   200 C  C   . ASP A 1 24 ? -9.380  -3.600  3.226   1.00 10.39 ? 928  ASP A C   1 
ATOM   201 O  O   . ASP A 1 24 ? -10.085 -4.462  3.751   1.00 10.99 ? 928  ASP A O   1 
ATOM   202 C  CB  . ASP A 1 24 ? -8.349  -2.834  5.393   1.00 22.75 ? 928  ASP A CB  1 
ATOM   203 C  CG  . ASP A 1 24 ? -9.458  -1.858  5.550   1.00 18.39 ? 928  ASP A CG  1 
ATOM   204 O  OD1 . ASP A 1 24 ? -9.655  -1.076  4.614   1.00 15.16 ? 928  ASP A OD1 1 
ATOM   205 O  OD2 . ASP A 1 24 ? -10.136 -1.882  6.597   1.00 25.90 ? 928  ASP A OD2 1 
ATOM   206 N  N   . LEU A 1 25 ? -9.693  -3.052  2.052   1.00 6.06  ? 929  LEU A N   1 
ATOM   207 C  CA  . LEU A 1 25 ? -10.808 -3.592  1.277   1.00 7.56  ? 929  LEU A CA  1 
ATOM   208 C  C   . LEU A 1 25 ? -10.357 -4.581  0.210   1.00 5.52  ? 929  LEU A C   1 
ATOM   209 O  O   . LEU A 1 25 ? -10.893 -5.688  0.135   1.00 7.36  ? 929  LEU A O   1 
ATOM   210 C  CB  . LEU A 1 25 ? -11.653 -2.473  0.659   1.00 5.44  ? 929  LEU A CB  1 
ATOM   211 C  CG  . LEU A 1 25 ? -12.911 -2.975  -0.058  1.00 4.82  ? 929  LEU A CG  1 
ATOM   212 C  CD1 . LEU A 1 25 ? -13.792 -3.804  0.865   1.00 6.72  ? 929  LEU A CD1 1 
ATOM   213 C  CD2 . LEU A 1 25 ? -13.696 -1.809  -0.625  1.00 7.84  ? 929  LEU A CD2 1 
ATOM   214 N  N   . CYS A 1 26 ? -9.380  -4.219  -0.621  1.00 3.89  ? 930  CYS A N   1 
ATOM   215 C  CA  . CYS A 1 26 ? -8.920  -5.136  -1.656  1.00 5.30  ? 930  CYS A CA  1 
ATOM   216 C  C   . CYS A 1 26 ? -7.779  -6.036  -1.218  1.00 5.57  ? 930  CYS A C   1 
ATOM   217 O  O   . CYS A 1 26 ? -7.537  -7.047  -1.891  1.00 5.68  ? 930  CYS A O   1 
ATOM   218 C  CB  . CYS A 1 26 ? -8.526  -4.404  -2.947  1.00 4.31  ? 930  CYS A CB  1 
ATOM   219 S  SG  . CYS A 1 26 ? -7.087  -3.299  -2.824  1.00 4.70  ? 930  CYS A SG  1 
ATOM   220 N  N   . GLU A 1 27 ? -7.070  -5.693  -0.138  1.00 4.92  ? 931  GLU A N   1 
ATOM   221 C  CA  . GLU A 1 27 ? -5.960  -6.461  0.421   1.00 5.12  ? 931  GLU A CA  1 
ATOM   222 C  C   . GLU A 1 27 ? -4.707  -6.419  -0.440  1.00 4.63  ? 931  GLU A C   1 
ATOM   223 O  O   . GLU A 1 27 ? -3.717  -7.088  -0.106  1.00 6.55  ? 931  GLU A O   1 
ATOM   224 C  CB  . GLU A 1 27 ? -6.311  -7.919  0.726   1.00 7.64  ? 931  GLU A CB  1 
ATOM   225 C  CG  . GLU A 1 27 ? -7.538  -8.128  1.593   1.00 8.09  ? 931  GLU A CG  1 
ATOM   226 C  CD  . GLU A 1 27 ? -7.714  -9.593  1.919   1.00 7.71  ? 931  GLU A CD  1 
ATOM   227 O  OE1 . GLU A 1 27 ? -8.175  -10.341 1.045   1.00 7.89  ? 931  GLU A OE1 1 
ATOM   228 O  OE2 . GLU A 1 27 ? -7.337  -10.010 3.025   1.00 12.67 ? 931  GLU A OE2 1 
ATOM   229 N  N   . ASP A 1 28 ? -4.707  -5.663  -1.526  1.00 3.44  ? 932  ASP A N   1 
ATOM   230 C  CA  . ASP A 1 28 ? -3.481  -5.472  -2.283  1.00 3.22  ? 932  ASP A CA  1 
ATOM   231 C  C   . ASP A 1 28 ? -2.550  -4.526  -1.523  1.00 3.50  ? 932  ASP A C   1 
ATOM   232 O  O   . ASP A 1 28 ? -2.948  -3.847  -0.570  1.00 3.62  ? 932  ASP A O   1 
ATOM   233 C  CB  . ASP A 1 28 ? -3.825  -4.900  -3.660  1.00 3.95  ? 932  ASP A CB  1 
ATOM   234 C  CG  . ASP A 1 28 ? -2.759  -5.164  -4.720  1.00 6.00  ? 932  ASP A CG  1 
ATOM   235 O  OD1 . ASP A 1 28 ? -1.731  -5.821  -4.449  1.00 7.39  ? 932  ASP A OD1 1 
ATOM   236 O  OD2 . ASP A 1 28 ? -2.972  -4.690  -5.850  1.00 9.99  ? 932  ASP A OD2 1 
ATOM   237 N  N   . TRP A 1 29 ? -1.290  -4.505  -1.938  1.00 3.25  ? 933  TRP A N   1 
ATOM   238 C  CA  . TRP A 1 29 ? -0.296  -3.622  -1.351  1.00 3.17  ? 933  TRP A CA  1 
ATOM   239 C  C   . TRP A 1 29 ? 0.091   -2.533  -2.335  1.00 3.16  ? 933  TRP A C   1 
ATOM   240 O  O   . TRP A 1 29 ? 0.044   -2.723  -3.555  1.00 3.66  ? 933  TRP A O   1 
ATOM   241 C  CB  . TRP A 1 29 ? 0.938   -4.414  -0.923  1.00 4.15  ? 933  TRP A CB  1 
ATOM   242 C  CG  . TRP A 1 29 ? 0.649   -5.334  0.234   1.00 4.71  ? 933  TRP A CG  1 
ATOM   243 C  CD1 . TRP A 1 29 ? -0.031  -6.526  0.197   1.00 6.24  ? 933  TRP A CD1 1 
ATOM   244 C  CD2 . TRP A 1 29 ? 1.012   -5.123  1.602   1.00 4.29  ? 933  TRP A CD2 1 
ATOM   245 N  NE1 . TRP A 1 29 ? -0.094  -7.071  1.463   1.00 7.94  ? 933  TRP A NE1 1 
ATOM   246 C  CE2 . TRP A 1 29 ? 0.539   -6.229  2.342   1.00 4.76  ? 933  TRP A CE2 1 
ATOM   247 C  CE3 . TRP A 1 29 ? 1.694   -4.103  2.275   1.00 5.21  ? 933  TRP A CE3 1 
ATOM   248 C  CZ2 . TRP A 1 29 ? 0.732   -6.348  3.725   1.00 6.28  ? 933  TRP A CZ2 1 
ATOM   249 C  CZ3 . TRP A 1 29 ? 1.884   -4.222  3.651   1.00 4.53  ? 933  TRP A CZ3 1 
ATOM   250 C  CH2 . TRP A 1 29 ? 1.413   -5.341  4.357   1.00 6.63  ? 933  TRP A CH2 1 
ATOM   251 N  N   . PHE A 1 30 ? 0.468   -1.380  -1.781  1.00 2.90  ? 934  PHE A N   1 
ATOM   252 C  CA  . PHE A 1 30 ? 0.658   -0.146  -2.540  1.00 3.34  ? 934  PHE A CA  1 
ATOM   253 C  C   . PHE A 1 30 ? 1.928   0.525   -2.058  1.00 4.03  ? 934  PHE A C   1 
ATOM   254 O  O   . PHE A 1 30 ? 2.152   0.626   -0.850  1.00 4.50  ? 934  PHE A O   1 
ATOM   255 C  CB  . PHE A 1 30 ? -0.550  0.784   -2.330  1.00 3.48  ? 934  PHE A CB  1 
ATOM   256 C  CG  . PHE A 1 30 ? -1.808  0.189   -2.848  1.00 3.06  ? 934  PHE A CG  1 
ATOM   257 C  CD1 . PHE A 1 30 ? -2.236  0.459   -4.136  1.00 4.27  ? 934  PHE A CD1 1 
ATOM   258 C  CD2 . PHE A 1 30 ? -2.515  -0.731  -2.087  1.00 3.72  ? 934  PHE A CD2 1 
ATOM   259 C  CE1 . PHE A 1 30 ? -3.368  -0.141  -4.651  1.00 3.98  ? 934  PHE A CE1 1 
ATOM   260 C  CE2 . PHE A 1 30 ? -3.646  -1.349  -2.606  1.00 4.39  ? 934  PHE A CE2 1 
ATOM   261 C  CZ  . PHE A 1 30 ? -4.066  -1.049  -3.889  1.00 3.86  ? 934  PHE A CZ  1 
ATOM   262 N  N   . HIS A 1 31 ? 2.770   0.967   -2.988  1.00 2.95  ? 935  HIS A N   1 
ATOM   263 C  CA  . HIS A 1 31 ? 3.911   1.766   -2.566  1.00 3.43  ? 935  HIS A CA  1 
ATOM   264 C  C   . HIS A 1 31 ? 3.406   3.040   -1.924  1.00 2.95  ? 935  HIS A C   1 
ATOM   265 O  O   . HIS A 1 31 ? 2.540   3.724   -2.473  1.00 3.04  ? 935  HIS A O   1 
ATOM   266 C  CB  . HIS A 1 31 ? 4.802   2.133   -3.749  1.00 2.96  ? 935  HIS A CB  1 
ATOM   267 C  CG  . HIS A 1 31 ? 5.221   0.965   -4.573  1.00 3.16  ? 935  HIS A CG  1 
ATOM   268 N  ND1 . HIS A 1 31 ? 4.684   0.722   -5.820  1.00 4.44  ? 935  HIS A ND1 1 
ATOM   269 C  CD2 . HIS A 1 31 ? 6.124   -0.018  -4.344  1.00 4.01  ? 935  HIS A CD2 1 
ATOM   270 C  CE1 . HIS A 1 31 ? 5.236   -0.373  -6.320  1.00 4.71  ? 935  HIS A CE1 1 
ATOM   271 N  NE2 . HIS A 1 31 ? 6.112   -0.840  -5.447  1.00 4.87  ? 935  HIS A NE2 1 
ATOM   272 N  N   . GLY A 1 32 ? 3.955   3.359   -0.759  1.00 3.17  ? 936  GLY A N   1 
ATOM   273 C  CA  . GLY A 1 32 ? 3.611   4.619   -0.122  1.00 3.51  ? 936  GLY A CA  1 
ATOM   274 C  C   . GLY A 1 32 ? 3.709   5.797   -1.068  1.00 3.57  ? 936  GLY A C   1 
ATOM   275 O  O   . GLY A 1 32 ? 2.828   6.665   -1.088  1.00 4.27  ? 936  GLY A O   1 
ATOM   276 N  N   . THR A 1 33 ? 4.759   5.828   -1.894  1.00 3.86  ? 937  THR A N   1 
ATOM   277 C  CA  . THR A 1 33 ? 4.945   6.945   -2.818  1.00 4.13  ? 937  THR A CA  1 
ATOM   278 C  C   . THR A 1 33 ? 3.715   7.140   -3.682  1.00 5.25  ? 937  THR A C   1 
ATOM   279 O  O   . THR A 1 33 ? 3.246   8.268   -3.881  1.00 5.81  ? 937  THR A O   1 
ATOM   280 C  CB  . THR A 1 33 ? 6.120   6.654   -3.747  1.00 5.90  ? 937  THR A CB  1 
ATOM   281 O  OG1 . THR A 1 33 ? 7.212   6.149   -2.986  1.00 5.75  ? 937  THR A OG1 1 
ATOM   282 C  CG2 . THR A 1 33 ? 6.533   7.920   -4.495  1.00 7.30  ? 937  THR A CG2 1 
ATOM   283 N  N   . CYS A 1 34 ? 3.185   6.042   -4.212  1.00 4.30  ? 938  CYS A N   1 
ATOM   284 C  CA  . CYS A 1 34 ? 2.151   6.127   -5.237  1.00 4.45  ? 938  CYS A CA  1 
ATOM   285 C  C   . CYS A 1 34 ? 0.822   6.572   -4.659  1.00 5.04  ? 938  CYS A C   1 
ATOM   286 O  O   . CYS A 1 34 ? -0.008  7.143   -5.376  1.00 7.17  ? 938  CYS A O   1 
ATOM   287 C  CB  . CYS A 1 34 ? 1.989   4.767   -5.911  1.00 4.33  ? 938  CYS A CB  1 
ATOM   288 S  SG  . CYS A 1 34 ? 3.506   4.187   -6.706  1.00 5.52  ? 938  CYS A SG  1 
ATOM   289 N  N   . VAL A 1 35 ? 0.600   6.313   -3.375  1.00 3.91  ? 939  VAL A N   1 
ATOM   290 C  CA  . VAL A 1 35 ? -0.656  6.645   -2.719  1.00 4.32  ? 939  VAL A CA  1 
ATOM   291 C  C   . VAL A 1 35 ? -0.492  7.775   -1.717  1.00 6.34  ? 939  VAL A C   1 
ATOM   292 O  O   . VAL A 1 35 ? -1.416  8.051   -0.944  1.00 6.25  ? 939  VAL A O   1 
ATOM   293 C  CB  . VAL A 1 35 ? -1.318  5.402   -2.109  1.00 4.24  ? 939  VAL A CB  1 
ATOM   294 C  CG1 . VAL A 1 35 ? -1.647  4.419   -3.213  1.00 6.58  ? 939  VAL A CG1 1 
ATOM   295 C  CG2 . VAL A 1 35 ? -0.399  4.736   -1.086  1.00 5.95  ? 939  VAL A CG2 1 
ATOM   296 N  N   . GLY A 1 36 ? 0.662   8.446   -1.711  1.00 4.92  ? 940  GLY A N   1 
ATOM   297 C  CA  . GLY A 1 36 ? 0.829   9.629   -0.892  1.00 4.85  ? 940  GLY A CA  1 
ATOM   298 C  C   . GLY A 1 36 ? 0.990   9.382   0.590   1.00 6.25  ? 940  GLY A C   1 
ATOM   299 O  O   . GLY A 1 36 ? 0.651   10.264  1.386   1.00 7.29  ? 940  GLY A O   1 
ATOM   300 N  N   . VAL A 1 37 ? 1.513   8.224   0.992   1.00 5.04  ? 941  VAL A N   1 
ATOM   301 C  CA  . VAL A 1 37 ? 1.633   7.862   2.402   1.00 4.28  ? 941  VAL A CA  1 
ATOM   302 C  C   . VAL A 1 37 ? 3.099   7.575   2.713   1.00 6.16  ? 941  VAL A C   1 
ATOM   303 O  O   . VAL A 1 37 ? 3.708   6.691   2.095   1.00 6.37  ? 941  VAL A O   1 
ATOM   304 C  CB  . VAL A 1 37 ? 0.754   6.650   2.753   1.00 4.29  ? 941  VAL A CB  1 
ATOM   305 C  CG1 . VAL A 1 37 ? 0.958   6.250   4.208   1.00 6.59  ? 941  VAL A CG1 1 
ATOM   306 C  CG2 . VAL A 1 37 ? -0.730  6.956   2.455   1.00 4.64  ? 941  VAL A CG2 1 
ATOM   307 N  N   . THR A 1 38 ? 3.662   8.303   3.677   1.00 4.27  ? 942  THR A N   1 
ATOM   308 C  CA  . THR A 1 38 ? 5.011   8.037   4.162   1.00 4.42  ? 942  THR A CA  1 
ATOM   309 C  C   . THR A 1 38 ? 4.994   6.962   5.244   1.00 4.84  ? 942  THR A C   1 
ATOM   310 O  O   . THR A 1 38 ? 3.955   6.653   5.837   1.00 5.82  ? 942  THR A O   1 
ATOM   311 C  CB  . THR A 1 38 ? 5.626   9.297   4.764   1.00 6.28  ? 942  THR A CB  1 
ATOM   312 O  OG1 . THR A 1 38 ? 4.910   9.631   5.960   1.00 7.93  ? 942  THR A OG1 1 
ATOM   313 C  CG2 . THR A 1 38 ? 5.581   10.475  3.786   1.00 7.84  ? 942  THR A CG2 1 
ATOM   314 N  N   . LYS A 1 39 ? 6.179   6.413   5.523   1.00 6.33  ? 943  LYS A N   1 
ATOM   315 C  CA  . LYS A 1 39 ? 6.309   5.440   6.607   1.00 7.01  ? 943  LYS A CA  1 
ATOM   316 C  C   . LYS A 1 39 ? 5.756   5.967   7.928   1.00 4.53  ? 943  LYS A C   1 
ATOM   317 O  O   . LYS A 1 39 ? 5.049   5.243   8.641   1.00 5.39  ? 943  LYS A O   1 
ATOM   318 C  CB  . LYS A 1 39 ? 7.769   5.030   6.801   1.00 8.87  ? 943  LYS A CB  1 
ATOM   319 C  CG  . LYS A 1 39 ? 8.278   4.063   5.798   1.00 18.64 ? 943  LYS A CG  1 
ATOM   320 C  CD  . LYS A 1 39 ? 9.770   3.889   5.887   1.00 18.99 ? 943  LYS A CD  1 
ATOM   321 C  CE  . LYS A 1 39 ? 10.416  4.507   4.679   1.00 24.16 ? 943  LYS A CE  1 
ATOM   322 N  NZ  . LYS A 1 39 ? 10.651  5.954   4.870   1.00 29.60 ? 943  LYS A NZ  1 
ATOM   323 N  N   . ALA A 1 40 ? 6.078   7.215   8.283   1.00 5.98  ? 944  ALA A N   1 
ATOM   324 C  CA  . ALA A 1 40 ? 5.589   7.770   9.543   1.00 6.32  ? 944  ALA A CA  1 
ATOM   325 C  C   . ALA A 1 40 ? 4.069   7.867   9.556   1.00 8.06  ? 944  ALA A C   1 
ATOM   326 O  O   . ALA A 1 40 ? 3.433   7.543   10.568  1.00 7.42  ? 944  ALA A O   1 
ATOM   327 C  CB  . ALA A 1 40 ? 6.215   9.141   9.792   1.00 8.99  ? 944  ALA A CB  1 
ATOM   328 N  N   . MET A 1 41 ? 3.473   8.309   8.443   1.00 7.85  ? 945  MET A N   1 
ATOM   329 C  CA  . MET A 1 41 ? 2.015   8.385   8.338   1.00 7.24  ? 945  MET A CA  1 
ATOM   330 C  C   . MET A 1 41 ? 1.389   7.005   8.462   1.00 6.82  ? 945  MET A C   1 
ATOM   331 O  O   . MET A 1 41 ? 0.397   6.820   9.174   1.00 6.51  ? 945  MET A O   1 
ATOM   332 C  CB  . MET A 1 41 ? 1.623   8.956   6.974   1.00 9.38  ? 945  MET A CB  1 
ATOM   333 C  CG  . MET A 1 41 ? 1.986   10.398  6.675   1.00 11.18 ? 945  MET A CG  1 
ATOM   334 S  SD  . MET A 1 41 ? 1.697   10.770  4.918   1.00 11.86 ? 945  MET A SD  1 
ATOM   335 C  CE  . MET A 1 41 ? 2.304   12.448  4.824   1.00 12.32 ? 945  MET A CE  1 
ATOM   336 N  N   . GLY A 1 42 ? 1.937   6.026   7.745   1.00 5.87  ? 946  GLY A N   1 
ATOM   337 C  CA  . GLY A 1 42 ? 1.356   4.697   7.782   1.00 6.16  ? 946  GLY A CA  1 
ATOM   338 C  C   . GLY A 1 42 ? 1.461   4.075   9.158   1.00 6.27  ? 946  GLY A C   1 
ATOM   339 O  O   . GLY A 1 42 ? 0.525   3.421   9.630   1.00 7.57  ? 946  GLY A O   1 
ATOM   340 N  N   . THR A 1 43 ? 2.585   4.302   9.835   1.00 5.70  ? 947  THR A N   1 
ATOM   341 C  CA  . THR A 1 43 ? 2.762   3.776   11.182  1.00 7.98  ? 947  THR A CA  1 
ATOM   342 C  C   . THR A 1 43 ? 1.773   4.413   12.151  1.00 6.13  ? 947  THR A C   1 
ATOM   343 O  O   . THR A 1 43 ? 1.184   3.721   12.995  1.00 7.92  ? 947  THR A O   1 
ATOM   344 C  CB  . THR A 1 43 ? 4.208   4.007   11.620  1.00 7.39  ? 947  THR A CB  1 
ATOM   345 O  OG1 . THR A 1 43 ? 5.091   3.345   10.703  1.00 11.23 ? 947  THR A OG1 1 
ATOM   346 C  CG2 . THR A 1 43 ? 4.429   3.463   13.015  1.00 11.26 ? 947  THR A CG2 1 
ATOM   347 N  N   . ASP A 1 44 ? 1.555   5.725   12.016  1.00 6.63  ? 948  ASP A N   1 
ATOM   348 C  CA  . ASP A 1 44 ? 0.562   6.423   12.831  1.00 7.81  ? 948  ASP A CA  1 
ATOM   349 C  C   . ASP A 1 44 ? -0.843  5.879   12.581  1.00 8.51  ? 948  ASP A C   1 
ATOM   350 O  O   . ASP A 1 44 ? -1.616  5.662   13.526  1.00 10.08 ? 948  ASP A O   1 
ATOM   351 C  CB  . ASP A 1 44 ? 0.637   7.919   12.507  1.00 8.48  ? 948  ASP A CB  1 
ATOM   352 C  CG  . ASP A 1 44 ? -0.266  8.754   13.377  1.00 16.95 ? 948  ASP A CG  1 
ATOM   353 O  OD1 . ASP A 1 44 ? -0.146  8.652   14.613  1.00 16.91 ? 948  ASP A OD1 1 
ATOM   354 O  OD2 . ASP A 1 44 ? -1.084  9.521   12.823  1.00 22.23 ? 948  ASP A OD2 1 
ATOM   355 N  N   . MET A 1 45 ? -1.193  5.638   11.315  1.00 8.04  ? 949  MET A N   1 
ATOM   356 C  CA  . MET A 1 45 ? -2.511  5.085   11.007  1.00 8.00  ? 949  MET A CA  1 
ATOM   357 C  C   . MET A 1 45 ? -2.675  3.689   11.589  1.00 9.62  ? 949  MET A C   1 
ATOM   358 O  O   . MET A 1 45 ? -3.735  3.350   12.133  1.00 8.51  ? 949  MET A O   1 
ATOM   359 C  CB  . MET A 1 45 ? -2.682  4.996   9.497   1.00 6.58  ? 949  MET A CB  1 
ATOM   360 C  CG  . MET A 1 45 ? -2.957  6.314   8.826   1.00 6.13  ? 949  MET A CG  1 
ATOM   361 S  SD  . MET A 1 45 ? -3.376  5.969   7.115   1.00 8.84  ? 949  MET A SD  1 
ATOM   362 C  CE  . MET A 1 45 ? -2.255  7.087   6.281   1.00 10.59 ? 949  MET A CE  1 
ATOM   363 N  N   . GLU A 1 46 ? -1.645  2.850   11.448  1.00 7.49  ? 950  GLU A N   1 
ATOM   364 C  CA  . GLU A 1 46 ? -1.707  1.504   12.003  1.00 8.15  ? 950  GLU A CA  1 
ATOM   365 C  C   . GLU A 1 46 ? -1.898  1.554   13.512  1.00 11.38 ? 950  GLU A C   1 
ATOM   366 O  O   . GLU A 1 46 ? -2.727  0.822   14.068  1.00 10.14 ? 950  GLU A O   1 
ATOM   367 C  CB  . GLU A 1 46 ? -0.435  0.736   11.639  1.00 6.57  ? 950  GLU A CB  1 
ATOM   368 C  CG  . GLU A 1 46 ? -0.425  -0.704  12.151  1.00 7.46  ? 950  GLU A CG  1 
ATOM   369 C  CD  . GLU A 1 46 ? -1.515  -1.558  11.536  1.00 7.67  ? 950  GLU A CD  1 
ATOM   370 O  OE1 . GLU A 1 46 ? -2.036  -1.196  10.452  1.00 8.80  ? 950  GLU A OE1 1 
ATOM   371 O  OE2 . GLU A 1 46 ? -1.853  -2.605  12.129  1.00 7.30  ? 950  GLU A OE2 1 
ATOM   372 N  N   . ASN A 1 47 ? -1.162  2.438   14.182  1.00 7.55  ? 951  ASN A N   1 
ATOM   373 C  CA  . ASN A 1 47 ? -1.285  2.577   15.625  1.00 8.89  ? 951  ASN A CA  1 
ATOM   374 C  C   . ASN A 1 47 ? -2.682  3.027   16.031  1.00 8.65  ? 951  ASN A C   1 
ATOM   375 O  O   . ASN A 1 47 ? -3.209  2.582   17.059  1.00 10.35 ? 951  ASN A O   1 
ATOM   376 C  CB  . ASN A 1 47 ? -0.242  3.570   16.117  1.00 11.41 ? 951  ASN A CB  1 
ATOM   377 C  CG  . ASN A 1 47 ? -0.309  3.763   17.590  1.00 13.85 ? 951  ASN A CG  1 
ATOM   378 O  OD1 . ASN A 1 47 ? -0.982  4.670   18.073  1.00 16.57 ? 951  ASN A OD1 1 
ATOM   379 N  ND2 . ASN A 1 47 ? 0.363   2.893   18.327  1.00 12.73 ? 951  ASN A ND2 1 
ATOM   380 N  N   . LYS A 1 48 ? -3.285  3.924   15.258  1.00 10.19 ? 952  LYS A N   1 
ATOM   381 C  CA  . LYS A 1 48 ? -4.597  4.469   15.586  1.00 9.34  ? 952  LYS A CA  1 
ATOM   382 C  C   . LYS A 1 48 ? -5.747  3.611   15.072  1.00 10.89 ? 952  LYS A C   1 
ATOM   383 O  O   . LYS A 1 48 ? -6.908  3.939   15.343  1.00 14.11 ? 952  LYS A O   1 
ATOM   384 C  CB  . LYS A 1 48 ? -4.729  5.904   15.047  1.00 10.41 ? 952  LYS A CB  1 
ATOM   385 C  CG  . LYS A 1 48 ? -3.894  6.933   15.781  1.00 10.48 ? 952  LYS A CG  1 
ATOM   386 C  CD  . LYS A 1 48 ? -3.850  8.258   15.025  1.00 13.32 ? 952  LYS A CD  1 
ATOM   387 C  CE  . LYS A 1 48 ? -3.478  9.409   15.946  1.00 17.77 ? 952  LYS A CE  1 
ATOM   388 N  NZ  . LYS A 1 48 ? -2.075  9.315   16.417  1.00 17.31 ? 952  LYS A NZ  1 
ATOM   389 N  N   . GLY A 1 49 ? -5.472  2.531   14.351  1.00 9.62  ? 953  GLY A N   1 
ATOM   390 C  CA  . GLY A 1 49 ? -6.545  1.718   13.807  1.00 8.81  ? 953  GLY A CA  1 
ATOM   391 C  C   . GLY A 1 49 ? -7.332  2.397   12.704  1.00 12.38 ? 953  GLY A C   1 
ATOM   392 O  O   . GLY A 1 49 ? -8.552  2.214   12.612  1.00 12.83 ? 953  GLY A O   1 
ATOM   393 N  N   . ILE A 1 50 ? -6.664  3.183   11.865  1.00 9.45  ? 954  ILE A N   1 
ATOM   394 C  CA  . ILE A 1 50 ? -7.319  3.844   10.739  1.00 7.29  ? 954  ILE A CA  1 
ATOM   395 C  C   . ILE A 1 50 ? -7.391  2.882   9.557   1.00 10.42 ? 954  ILE A C   1 
ATOM   396 O  O   . ILE A 1 50 ? -6.376  2.310   9.134   1.00 10.76 ? 954  ILE A O   1 
ATOM   397 C  CB  . ILE A 1 50 ? -6.574  5.137   10.381  1.00 8.31  ? 954  ILE A CB  1 
ATOM   398 C  CG1 . ILE A 1 50 ? -6.780  6.154   11.506  1.00 13.62 ? 954  ILE A CG1 1 
ATOM   399 C  CG2 . ILE A 1 50 ? -7.040  5.669   9.033   1.00 11.18 ? 954  ILE A CG2 1 
ATOM   400 C  CD1 . ILE A 1 50 ? -5.977  7.414   11.357  1.00 15.61 ? 954  ILE A CD1 1 
ATOM   401 N  N   A ASP A 1 51 ? -8.602  2.719   9.015   0.38 8.53  ? 955  ASP A N   1 
ATOM   402 N  N   B ASP A 1 51 ? -8.592  2.685   9.018   0.62 8.45  ? 955  ASP A N   1 
ATOM   403 C  CA  A ASP A 1 51 ? -8.895  1.760   7.949   0.38 10.14 ? 955  ASP A CA  1 
ATOM   404 C  CA  B ASP A 1 51 ? -8.802  1.678   7.975   0.62 10.07 ? 955  ASP A CA  1 
ATOM   405 C  C   A ASP A 1 51 ? -8.584  2.396   6.596   0.38 9.79  ? 955  ASP A C   1 
ATOM   406 C  C   B ASP A 1 51 ? -8.574  2.285   6.588   0.62 9.81  ? 955  ASP A C   1 
ATOM   407 O  O   A ASP A 1 51 ? -9.473  2.777   5.831   0.38 10.82 ? 955  ASP A O   1 
ATOM   408 O  O   B ASP A 1 51 ? -9.496  2.532   5.812   0.62 9.58  ? 955  ASP A O   1 
ATOM   409 C  CB  A ASP A 1 51 ? -10.350 1.312   8.033   0.38 12.42 ? 955  ASP A CB  1 
ATOM   410 C  CB  B ASP A 1 51 ? -10.171 1.031   8.124   0.62 13.12 ? 955  ASP A CB  1 
ATOM   411 C  CG  A ASP A 1 51 ? -11.318 2.470   8.278   0.38 12.99 ? 955  ASP A CG  1 
ATOM   412 C  CG  B ASP A 1 51 ? -10.239 0.118   9.328   0.62 13.52 ? 955  ASP A CG  1 
ATOM   413 O  OD1 A ASP A 1 51 ? -10.936 3.452   8.955   0.38 14.02 ? 955  ASP A OD1 1 
ATOM   414 O  OD1 B ASP A 1 51 ? -9.170  -0.368  9.754   0.62 18.34 ? 955  ASP A OD1 1 
ATOM   415 O  OD2 A ASP A 1 51 ? -12.472 2.398   7.796   0.38 13.61 ? 955  ASP A OD2 1 
ATOM   416 O  OD2 B ASP A 1 51 ? -11.354 -0.117  9.844   0.62 26.36 ? 955  ASP A OD2 1 
ATOM   417 N  N   . TRP A 1 52 ? -7.291  2.488   6.293   1.00 5.30  ? 956  TRP A N   1 
ATOM   418 C  CA  . TRP A 1 52 ? -6.852  3.122   5.051   1.00 5.26  ? 956  TRP A CA  1 
ATOM   419 C  C   . TRP A 1 52 ? -7.278  2.318   3.820   1.00 4.29  ? 956  TRP A C   1 
ATOM   420 O  O   . TRP A 1 52 ? -7.162  1.089   3.786   1.00 5.11  ? 956  TRP A O   1 
ATOM   421 C  CB  . TRP A 1 52 ? -5.322  3.282   5.073   1.00 4.01  ? 956  TRP A CB  1 
ATOM   422 C  CG  . TRP A 1 52 ? -4.814  3.856   3.797   1.00 4.13  ? 956  TRP A CG  1 
ATOM   423 C  CD1 . TRP A 1 52 ? -4.742  5.182   3.456   1.00 5.39  ? 956  TRP A CD1 1 
ATOM   424 C  CD2 . TRP A 1 52 ? -4.362  3.124   2.648   1.00 4.08  ? 956  TRP A CD2 1 
ATOM   425 N  NE1 . TRP A 1 52 ? -4.254  5.318   2.179   1.00 4.90  ? 956  TRP A NE1 1 
ATOM   426 C  CE2 . TRP A 1 52 ? -4.020  4.069   1.657   1.00 2.82  ? 956  TRP A CE2 1 
ATOM   427 C  CE3 . TRP A 1 52 ? -4.199  1.761   2.366   1.00 4.04  ? 956  TRP A CE3 1 
ATOM   428 C  CZ2 . TRP A 1 52 ? -3.538  3.691   0.405   1.00 4.71  ? 956  TRP A CZ2 1 
ATOM   429 C  CZ3 . TRP A 1 52 ? -3.714  1.391   1.130   1.00 4.15  ? 956  TRP A CZ3 1 
ATOM   430 C  CH2 . TRP A 1 52 ? -3.388  2.347   0.164   1.00 4.54  ? 956  TRP A CH2 1 
ATOM   431 N  N   . LYS A 1 53 ? -7.771  3.031   2.798   1.00 5.00  ? 957  LYS A N   1 
ATOM   432 C  CA  . LYS A 1 53 ? -8.215  2.455   1.531   1.00 4.38  ? 957  LYS A CA  1 
ATOM   433 C  C   . LYS A 1 53 ? -7.407  3.038   0.384   1.00 3.75  ? 957  LYS A C   1 
ATOM   434 O  O   . LYS A 1 53 ? -7.040  4.221   0.406   1.00 4.72  ? 957  LYS A O   1 
ATOM   435 C  CB  . LYS A 1 53 ? -9.682  2.795   1.269   1.00 7.44  ? 957  LYS A CB  1 
ATOM   436 C  CG  . LYS A 1 53 ? -10.614 2.438   2.400   1.00 12.64 ? 957  LYS A CG  1 
ATOM   437 C  CD  . LYS A 1 53 ? -10.899 0.966   2.400   1.00 11.36 ? 957  LYS A CD  1 
ATOM   438 C  CE  . LYS A 1 53 ? -12.026 0.628   3.383   1.00 11.40 ? 957  LYS A CE  1 
ATOM   439 N  NZ  . LYS A 1 53 ? -11.606 0.712   4.817   1.00 15.62 ? 957  LYS A NZ  1 
ATOM   440 N  N   . CYS A 1 54 ? -7.123  2.201   -0.610  1.00 4.32  ? 958  CYS A N   1 
ATOM   441 C  CA  . CYS A 1 54 ? -6.385  2.613   -1.801  1.00 4.36  ? 958  CYS A CA  1 
ATOM   442 C  C   . CYS A 1 54 ? -7.247  3.535   -2.667  1.00 4.31  ? 958  CYS A C   1 
ATOM   443 O  O   . CYS A 1 54 ? -8.447  3.701   -2.417  1.00 6.16  ? 958  CYS A O   1 
ATOM   444 C  CB  . CYS A 1 54 ? -5.946  1.366   -2.574  1.00 4.18  ? 958  CYS A CB  1 
ATOM   445 S  SG  . CYS A 1 54 ? -7.256  0.577   -3.530  1.00 4.64  ? 958  CYS A SG  1 
ATOM   446 N  N   . PRO A 1 55 ? -6.664  4.150   -3.701  1.00 5.76  ? 959  PRO A N   1 
ATOM   447 C  CA  . PRO A 1 55 ? -7.434  5.137   -4.471  1.00 6.38  ? 959  PRO A CA  1 
ATOM   448 C  C   . PRO A 1 55 ? -8.665  4.572   -5.153  1.00 7.38  ? 959  PRO A C   1 
ATOM   449 O  O   . PRO A 1 55 ? -9.653  5.299   -5.314  1.00 10.86 ? 959  PRO A O   1 
ATOM   450 C  CB  . PRO A 1 55 ? -6.399  5.707   -5.450  1.00 7.53  ? 959  PRO A CB  1 
ATOM   451 C  CG  . PRO A 1 55 ? -5.108  5.563   -4.723  1.00 9.50  ? 959  PRO A CG  1 
ATOM   452 C  CD  . PRO A 1 55 ? -5.221  4.257   -3.986  1.00 5.71  ? 959  PRO A CD  1 
ATOM   453 N  N   . LYS A 1 56 ? -8.664  3.290   -5.524  1.00 6.00  ? 960  LYS A N   1 
ATOM   454 C  CA  . LYS A 1 56 ? -9.869  2.698   -6.089  1.00 8.49  ? 960  LYS A CA  1 
ATOM   455 C  C   . LYS A 1 56 ? -10.905 2.425   -5.006  1.00 9.40  ? 960  LYS A C   1 
ATOM   456 O  O   . LYS A 1 56 ? -12.074 2.809   -5.137  1.00 12.13 ? 960  LYS A O   1 
ATOM   457 C  CB  . LYS A 1 56 ? -9.506  1.407   -6.821  1.00 10.20 ? 960  LYS A CB  1 
ATOM   458 C  CG  . LYS A 1 56 ? -10.690 0.695   -7.442  1.00 11.35 ? 960  LYS A CG  1 
ATOM   459 C  CD  . LYS A 1 56 ? -10.230 -0.572  -8.154  1.00 19.54 ? 960  LYS A CD  1 
ATOM   460 C  CE  . LYS A 1 56 ? -11.409 -1.361  -8.709  1.00 21.52 ? 960  LYS A CE  1 
ATOM   461 N  NZ  . LYS A 1 56 ? -10.973 -2.658  -9.297  1.00 30.87 ? 960  LYS A NZ  1 
ATOM   462 N  N   . CYS A 1 57 ? -10.490 1.786   -3.912  1.00 6.49  ? 961  CYS A N   1 
ATOM   463 C  CA  . CYS A 1 57 ? -11.448 1.377   -2.885  1.00 7.03  ? 961  CYS A CA  1 
ATOM   464 C  C   . CYS A 1 57 ? -11.995 2.560   -2.090  1.00 7.55  ? 961  CYS A C   1 
ATOM   465 O  O   . CYS A 1 57 ? -13.111 2.478   -1.559  1.00 8.88  ? 961  CYS A O   1 
ATOM   466 C  CB  . CYS A 1 57 ? -10.778 0.396   -1.927  1.00 5.63  ? 961  CYS A CB  1 
ATOM   467 S  SG  . CYS A 1 57 ? -10.363 -1.209  -2.668  1.00 5.66  ? 961  CYS A SG  1 
ATOM   468 N  N   . VAL A 1 58 ? -11.233 3.650   -1.971  1.00 6.95  ? 962  VAL A N   1 
ATOM   469 C  CA  . VAL A 1 58 ? -11.691 4.787   -1.173  1.00 12.03 ? 962  VAL A CA  1 
ATOM   470 C  C   . VAL A 1 58 ? -12.900 5.461   -1.798  1.00 12.59 ? 962  VAL A C   1 
ATOM   471 O  O   . VAL A 1 58 ? -13.628 6.190   -1.109  1.00 14.47 ? 962  VAL A O   1 
ATOM   472 C  CB  . VAL A 1 58 ? -10.534 5.770   -0.879  1.00 9.04  ? 962  VAL A CB  1 
ATOM   473 C  CG1 . VAL A 1 58 ? -10.288 6.691   -2.073  1.00 10.42 ? 962  VAL A CG1 1 
ATOM   474 C  CG2 . VAL A 1 58 ? -10.821 6.586   0.389   1.00 10.96 ? 962  VAL A CG2 1 
ATOM   475 N  N   . LYS A 1 59 ? -13.141 5.233   -3.087  1.00 10.33 ? 963  LYS A N   1 
ATOM   476 C  CA  . LYS A 1 59 ? -14.302 5.777   -3.775  1.00 15.88 ? 963  LYS A CA  1 
ATOM   477 C  C   . LYS A 1 59 ? -15.510 4.860   -3.686  1.00 17.34 ? 963  LYS A C   1 
ATOM   478 O  O   . LYS A 1 59 ? -16.536 5.145   -4.308  1.00 22.45 ? 963  LYS A O   1 
ATOM   479 C  CB  . LYS A 1 59 ? -13.953 6.061   -5.239  1.00 17.30 ? 963  LYS A CB  1 
ATOM   480 C  CG  . LYS A 1 59 ? -12.841 7.100   -5.414  1.00 16.14 ? 963  LYS A CG  1 
ATOM   481 C  CD  . LYS A 1 59 ? -13.124 8.361   -4.589  1.00 27.56 ? 963  LYS A CD  1 
ATOM   482 C  CE  . LYS A 1 59 ? -12.088 9.471   -4.817  1.00 23.72 ? 963  LYS A CE  1 
ATOM   483 N  NZ  . LYS A 1 59 ? -12.473 10.730  -4.106  1.00 27.60 ? 963  LYS A NZ  1 
ATOM   484 N  N   . ARG A 1 60 ? -15.410 3.768   -2.937  1.00 18.85 ? 964  ARG A N   1 
ATOM   485 C  CA  . ARG A 1 60 ? -16.498 2.807   -2.830  1.00 18.03 ? 964  ARG A CA  1 
ATOM   486 C  C   . ARG A 1 60 ? -17.112 2.807   -1.431  1.00 25.60 ? 964  ARG A C   1 
ATOM   487 O  O   . ARG A 1 60 ? -17.378 1.747   -0.858  1.00 30.79 ? 964  ARG A O   1 
ATOM   488 C  CB  . ARG A 1 60 ? -15.989 1.409   -3.178  1.00 17.82 ? 964  ARG A CB  1 
ATOM   489 C  CG  . ARG A 1 60 ? -15.405 1.306   -4.578  1.00 17.29 ? 964  ARG A CG  1 
ATOM   490 C  CD  . ARG A 1 60 ? -14.965 -0.109  -4.882  1.00 24.10 ? 964  ARG A CD  1 
ATOM   491 N  NE  . ARG A 1 60 ? -16.042 -1.071  -4.666  1.00 30.56 ? 964  ARG A NE  1 
ATOM   492 C  CZ  . ARG A 1 60 ? -15.857 -2.344  -4.329  1.00 30.22 ? 964  ARG A CZ  1 
ATOM   493 N  NH1 . ARG A 1 60 ? -14.631 -2.825  -4.163  1.00 17.58 ? 964  ARG A NH1 1 
ATOM   494 N  NH2 . ARG A 1 60 ? -16.901 -3.141  -4.159  1.00 20.86 ? 964  ARG A NH2 1 
HETATM 495 C  C1  . GOL B 2 .  ? 6.321   3.557   -11.056 1.00 11.68 ? 1001 GOL A C1  1 
HETATM 496 O  O1  . GOL B 2 .  ? 7.567   2.970   -11.391 1.00 11.46 ? 1001 GOL A O1  1 
HETATM 497 C  C2  . GOL B 2 .  ? 6.240   3.907   -9.574  1.00 9.95  ? 1001 GOL A C2  1 
HETATM 498 O  O2  . GOL B 2 .  ? 6.295   2.743   -8.771  1.00 8.29  ? 1001 GOL A O2  1 
HETATM 499 C  C3  . GOL B 2 .  ? 7.395   4.810   -9.176  1.00 12.15 ? 1001 GOL A C3  1 
HETATM 500 O  O3  . GOL B 2 .  ? 7.115   5.318   -7.884  1.00 12.02 ? 1001 GOL A O3  1 
HETATM 501 ZN ZN  . ZN  C 3 .  ? -8.096  -1.246  -2.308  1.00 30.00 ? 1002 ZN  A ZN  1 
HETATM 502 ZN ZN  . ZN  D 3 .  ? 3.247   1.949   -6.802  1.00 30.00 ? 1003 ZN  A ZN  1 
HETATM 503 O  O   . HOH E 4 .  ? 10.024  7.364   3.354   1.00 39.12 ? 1101 HOH A O   1 
HETATM 504 O  O   . HOH E 4 .  ? -13.627 0.557   6.656   1.00 19.10 ? 1102 HOH A O   1 
HETATM 505 O  O   . HOH E 4 .  ? 13.523  -8.283  -0.682  1.00 20.11 ? 1103 HOH A O   1 
HETATM 506 O  O   . HOH E 4 .  ? 15.553  -11.333 -2.704  1.00 21.73 ? 1104 HOH A O   1 
HETATM 507 O  O   . HOH E 4 .  ? -0.150  -3.433  13.948  1.00 6.55  ? 1105 HOH A O   1 
HETATM 508 O  O   . HOH E 4 .  ? -9.011  -9.436  -1.280  1.00 6.27  ? 1106 HOH A O   1 
HETATM 509 O  O   . HOH E 4 .  ? 5.828   11.806  7.137   1.00 16.92 ? 1107 HOH A O   1 
HETATM 510 O  O   . HOH E 4 .  ? 15.254  -12.497 -6.404  1.00 23.46 ? 1108 HOH A O   1 
HETATM 511 O  O   . HOH E 4 .  ? -1.790  -4.268  -8.234  1.00 8.09  ? 1109 HOH A O   1 
HETATM 512 O  O   . HOH E 4 .  ? -5.756  -0.316  5.625   1.00 8.09  ? 1110 HOH A O   1 
HETATM 513 O  O   . HOH E 4 .  ? -1.148  11.954  14.070  1.00 22.38 ? 1111 HOH A O   1 
HETATM 514 O  O   . HOH E 4 .  ? 5.889   -1.847  4.617   1.00 22.57 ? 1112 HOH A O   1 
HETATM 515 O  O   . HOH E 4 .  ? -0.843  -7.371  -6.523  1.00 9.22  ? 1113 HOH A O   1 
HETATM 516 O  O   . HOH E 4 .  ? -4.321  -1.069  12.890  1.00 26.81 ? 1114 HOH A O   1 
HETATM 517 O  O   . HOH E 4 .  ? 4.100   -3.982  -15.067 1.00 4.66  ? 1115 HOH A O   1 
HETATM 518 O  O   . HOH E 4 .  ? 9.690   4.566   -12.104 1.00 16.96 ? 1116 HOH A O   1 
HETATM 519 O  O   . HOH E 4 .  ? 8.544   -14.088 -12.872 1.00 23.20 ? 1117 HOH A O   1 
HETATM 520 O  O   . HOH E 4 .  ? -10.383 -7.123  4.438   1.00 10.52 ? 1118 HOH A O   1 
HETATM 521 O  O   . HOH E 4 .  ? 4.662   7.616   13.059  1.00 24.65 ? 1119 HOH A O   1 
HETATM 522 O  O   . HOH E 4 .  ? -3.743  -3.667  10.390  1.00 17.65 ? 1120 HOH A O   1 
HETATM 523 O  O   . HOH E 4 .  ? -3.929  1.728   -11.642 1.00 15.11 ? 1121 HOH A O   1 
HETATM 524 O  O   . HOH E 4 .  ? 7.177   1.755   11.672  1.00 24.45 ? 1122 HOH A O   1 
HETATM 525 O  O   . HOH E 4 .  ? -6.655  -12.719 3.234   1.00 20.76 ? 1123 HOH A O   1 
HETATM 526 O  O   . HOH E 4 .  ? -1.323  -10.298 -4.993  1.00 24.33 ? 1124 HOH A O   1 
HETATM 527 O  O   . HOH E 4 .  ? -0.029  8.606   -7.790  1.00 27.82 ? 1125 HOH A O   1 
HETATM 528 O  O   . HOH E 4 .  ? 14.443  0.578   -2.924  1.00 30.77 ? 1126 HOH A O   1 
HETATM 529 O  O   . HOH E 4 .  ? 6.933   3.830   -1.221  1.00 7.47  ? 1127 HOH A O   1 
HETATM 530 O  O   . HOH E 4 .  ? 9.088   7.296   -7.436  1.00 26.45 ? 1128 HOH A O   1 
HETATM 531 O  O   . HOH E 4 .  ? 9.045   1.230   -9.718  1.00 17.44 ? 1129 HOH A O   1 
HETATM 532 O  O   . HOH E 4 .  ? 6.706   -8.245  -13.945 1.00 15.24 ? 1130 HOH A O   1 
HETATM 533 O  O   . HOH E 4 .  ? -5.065  -3.114  -6.938  1.00 24.02 ? 1131 HOH A O   1 
HETATM 534 O  O   . HOH E 4 .  ? -11.945 -7.397  2.169   1.00 11.52 ? 1132 HOH A O   1 
HETATM 535 O  O   . HOH E 4 .  ? -3.238  -5.005  12.837  1.00 13.25 ? 1133 HOH A O   1 
HETATM 536 O  O   . HOH E 4 .  ? 2.193   -9.982  -10.550 1.00 10.33 ? 1134 HOH A O   1 
HETATM 537 O  O   . HOH E 4 .  ? -12.053 -2.139  -5.218  1.00 17.37 ? 1135 HOH A O   1 
HETATM 538 O  O   . HOH E 4 .  ? -5.943  6.225   -1.332  1.00 7.41  ? 1136 HOH A O   1 
HETATM 539 O  O   . HOH E 4 .  ? 8.921   -0.389  -7.637  1.00 8.97  ? 1137 HOH A O   1 
HETATM 540 O  O   . HOH E 4 .  ? 8.486   -13.256 -10.198 1.00 8.09  ? 1138 HOH A O   1 
HETATM 541 O  O   . HOH E 4 .  ? 9.604   -3.002  2.532   1.00 26.83 ? 1139 HOH A O   1 
HETATM 542 O  O   . HOH E 4 .  ? -2.584  -8.898  1.919   1.00 24.64 ? 1140 HOH A O   1 
HETATM 543 O  O   . HOH E 4 .  ? 8.277   8.792   7.092   1.00 12.07 ? 1141 HOH A O   1 
HETATM 544 O  O   . HOH E 4 .  ? -3.578  3.843   19.749  1.00 27.25 ? 1142 HOH A O   1 
HETATM 545 O  O   . HOH E 4 .  ? -13.868 6.020   1.883   1.00 21.76 ? 1143 HOH A O   1 
HETATM 546 O  O   . HOH E 4 .  ? -9.090  8.203   -4.776  1.00 15.54 ? 1144 HOH A O   1 
HETATM 547 O  O   . HOH E 4 .  ? 16.164  -7.770  -2.634  1.00 26.11 ? 1145 HOH A O   1 
HETATM 548 O  O   . HOH E 4 .  ? 17.052  -2.840  -2.933  1.00 26.13 ? 1146 HOH A O   1 
HETATM 549 O  O   . HOH E 4 .  ? -5.572  -8.996  -3.170  1.00 32.70 ? 1147 HOH A O   1 
HETATM 550 O  O   . HOH E 4 .  ? 6.948   -2.727  2.680   1.00 27.49 ? 1148 HOH A O   1 
HETATM 551 O  O   . HOH E 4 .  ? 14.264  -7.559  -4.498  1.00 33.82 ? 1149 HOH A O   1 
HETATM 552 O  O   . HOH E 4 .  ? -2.450  -8.762  -3.771  1.00 25.73 ? 1150 HOH A O   1 
HETATM 553 O  O   . HOH E 4 .  ? -0.460  -9.346  -9.542  1.00 21.70 ? 1151 HOH A O   1 
HETATM 554 O  O   . HOH E 4 .  ? -10.214 -3.958  -6.407  1.00 25.64 ? 1152 HOH A O   1 
HETATM 555 O  O   . HOH E 4 .  ? -4.460  -8.757  4.030   1.00 32.41 ? 1153 HOH A O   1 
HETATM 556 O  O   . HOH E 4 .  ? -3.381  -7.527  -7.915  1.00 20.35 ? 1154 HOH A O   1 
HETATM 557 O  O   . HOH E 4 .  ? 10.120  -0.784  3.613   1.00 23.09 ? 1155 HOH A O   1 
HETATM 558 O  O   . HOH E 4 .  ? 5.555   -13.449 -10.137 1.00 19.20 ? 1156 HOH A O   1 
HETATM 559 O  O   . HOH E 4 .  ? -0.360  -10.511 -0.362  1.00 30.59 ? 1157 HOH A O   1 
HETATM 560 O  O   . HOH E 4 .  ? -3.212  -9.738  -7.537  1.00 28.45 ? 1158 HOH A O   1 
HETATM 561 O  O   . HOH E 4 .  ? -7.124  8.321   -2.821  1.00 10.94 ? 1159 HOH A O   1 
HETATM 562 O  O   . HOH E 4 .  ? -14.336 3.757   2.979   1.00 25.02 ? 1160 HOH A O   1 
HETATM 563 O  O   . HOH E 4 .  ? -7.418  -3.365  -6.007  1.00 22.04 ? 1161 HOH A O   1 
HETATM 564 O  O   . HOH E 4 .  ? -6.256  -0.602  -6.457  1.00 24.41 ? 1162 HOH A O   1 
HETATM 565 O  O   . HOH E 4 .  ? -4.988  -8.639  -9.075  1.00 28.75 ? 1163 HOH A O   1 
HETATM 566 O  O   . HOH E 4 .  ? 7.161   -0.994  7.077   1.00 28.09 ? 1164 HOH A O   1 
# 
loop_
_pdbx_poly_seq_scheme.asym_id 
_pdbx_poly_seq_scheme.entity_id 
_pdbx_poly_seq_scheme.seq_id 
_pdbx_poly_seq_scheme.mon_id 
_pdbx_poly_seq_scheme.ndb_seq_num 
_pdbx_poly_seq_scheme.pdb_seq_num 
_pdbx_poly_seq_scheme.auth_seq_num 
_pdbx_poly_seq_scheme.pdb_mon_id 
_pdbx_poly_seq_scheme.auth_mon_id 
_pdbx_poly_seq_scheme.pdb_strand_id 
_pdbx_poly_seq_scheme.pdb_ins_code 
_pdbx_poly_seq_scheme.hetero 
A 1 1  GLY 1  905 905 GLY GLY A . n 
A 1 2  PRO 2  906 906 PRO PRO A . n 
A 1 3  LEU 3  907 907 LEU LEU A . n 
A 1 4  PRO 4  908 908 PRO PRO A . n 
A 1 5  ASN 5  909 909 ASN ASN A . n 
A 1 6  LYS 6  910 910 LYS LYS A . n 
A 1 7  LEU 7  911 911 LEU LEU A . n 
A 1 8  TRP 8  912 912 TRP TRP A . n 
A 1 9  CYS 9  913 913 CYS CYS A . n 
A 1 10 ILE 10 914 914 ILE ILE A . n 
A 1 11 CYS 11 915 915 CYS CYS A . n 
A 1 12 ARG 12 916 916 ARG ARG A . n 
A 1 13 GLN 13 917 917 GLN GLN A . n 
A 1 14 PRO 14 918 918 PRO PRO A . n 
A 1 15 HIS 15 919 919 HIS HIS A . n 
A 1 16 ASN 16 920 920 ASN ASN A . n 
A 1 17 ASN 17 921 921 ASN ASN A . n 
A 1 18 ARG 18 922 922 ARG ARG A . n 
A 1 19 PHE 19 923 923 PHE PHE A . n 
A 1 20 MET 20 924 924 MET MET A . n 
A 1 21 ILE 21 925 925 ILE ILE A . n 
A 1 22 CYS 22 926 926 CYS CYS A . n 
A 1 23 CYS 23 927 927 CYS CYS A . n 
A 1 24 ASP 24 928 928 ASP ASP A . n 
A 1 25 LEU 25 929 929 LEU LEU A . n 
A 1 26 CYS 26 930 930 CYS CYS A . n 
A 1 27 GLU 27 931 931 GLU GLU A . n 
A 1 28 ASP 28 932 932 ASP ASP A . n 
A 1 29 TRP 29 933 933 TRP TRP A . n 
A 1 30 PHE 30 934 934 PHE PHE A . n 
A 1 31 HIS 31 935 935 HIS HIS A . n 
A 1 32 GLY 32 936 936 GLY GLY A . n 
A 1 33 THR 33 937 937 THR THR A . n 
A 1 34 CYS 34 938 938 CYS CYS A . n 
A 1 35 VAL 35 939 939 VAL VAL A . n 
A 1 36 GLY 36 940 940 GLY GLY A . n 
A 1 37 VAL 37 941 941 VAL VAL A . n 
A 1 38 THR 38 942 942 THR THR A . n 
A 1 39 LYS 39 943 943 LYS LYS A . n 
A 1 40 ALA 40 944 944 ALA ALA A . n 
A 1 41 MET 41 945 945 MET MET A . n 
A 1 42 GLY 42 946 946 GLY GLY A . n 
A 1 43 THR 43 947 947 THR THR A . n 
A 1 44 ASP 44 948 948 ASP ASP A . n 
A 1 45 MET 45 949 949 MET MET A . n 
A 1 46 GLU 46 950 950 GLU GLU A . n 
A 1 47 ASN 47 951 951 ASN ASN A . n 
A 1 48 LYS 48 952 952 LYS LYS A . n 
A 1 49 GLY 49 953 953 GLY GLY A . n 
A 1 50 ILE 50 954 954 ILE ILE A . n 
A 1 51 ASP 51 955 955 ASP ASP A . n 
A 1 52 TRP 52 956 956 TRP TRP A . n 
A 1 53 LYS 53 957 957 LYS LYS A . n 
A 1 54 CYS 54 958 958 CYS CYS A . n 
A 1 55 PRO 55 959 959 PRO PRO A . n 
A 1 56 LYS 56 960 960 LYS LYS A . n 
A 1 57 CYS 57 961 961 CYS CYS A . n 
A 1 58 VAL 58 962 962 VAL VAL A . n 
A 1 59 LYS 59 963 963 LYS LYS A . n 
A 1 60 ARG 60 964 964 ARG ARG A . n 
A 1 61 GLN 61 965 ?   ?   ?   A . n 
A 1 62 GLU 62 966 ?   ?   ?   A . n 
# 
loop_
_pdbx_nonpoly_scheme.asym_id 
_pdbx_nonpoly_scheme.entity_id 
_pdbx_nonpoly_scheme.mon_id 
_pdbx_nonpoly_scheme.ndb_seq_num 
_pdbx_nonpoly_scheme.pdb_seq_num 
_pdbx_nonpoly_scheme.auth_seq_num 
_pdbx_nonpoly_scheme.pdb_mon_id 
_pdbx_nonpoly_scheme.auth_mon_id 
_pdbx_nonpoly_scheme.pdb_strand_id 
_pdbx_nonpoly_scheme.pdb_ins_code 
B 2 GOL 1  1001 1  GOL GOL A . 
C 3 ZN  1  1002 3  ZN  ZN  A . 
D 3 ZN  1  1003 4  ZN  ZN  A . 
E 4 HOH 1  1101 33 HOH HOH A . 
E 4 HOH 2  1102 27 HOH HOH A . 
E 4 HOH 3  1103 23 HOH HOH A . 
E 4 HOH 4  1104 56 HOH HOH A . 
E 4 HOH 5  1105 2  HOH HOH A . 
E 4 HOH 6  1106 5  HOH HOH A . 
E 4 HOH 7  1107 17 HOH HOH A . 
E 4 HOH 8  1108 42 HOH HOH A . 
E 4 HOH 9  1109 4  HOH HOH A . 
E 4 HOH 10 1110 11 HOH HOH A . 
E 4 HOH 11 1111 44 HOH HOH A . 
E 4 HOH 12 1112 32 HOH HOH A . 
E 4 HOH 13 1113 8  HOH HOH A . 
E 4 HOH 14 1114 68 HOH HOH A . 
E 4 HOH 15 1115 3  HOH HOH A . 
E 4 HOH 16 1116 28 HOH HOH A . 
E 4 HOH 17 1117 75 HOH HOH A . 
E 4 HOH 18 1118 9  HOH HOH A . 
E 4 HOH 19 1119 61 HOH HOH A . 
E 4 HOH 20 1120 24 HOH HOH A . 
E 4 HOH 21 1121 22 HOH HOH A . 
E 4 HOH 22 1122 62 HOH HOH A . 
E 4 HOH 23 1123 34 HOH HOH A . 
E 4 HOH 24 1124 20 HOH HOH A . 
E 4 HOH 25 1125 65 HOH HOH A . 
E 4 HOH 26 1126 79 HOH HOH A . 
E 4 HOH 27 1127 7  HOH HOH A . 
E 4 HOH 28 1128 67 HOH HOH A . 
E 4 HOH 29 1129 45 HOH HOH A . 
E 4 HOH 30 1130 18 HOH HOH A . 
E 4 HOH 31 1131 40 HOH HOH A . 
E 4 HOH 32 1132 10 HOH HOH A . 
E 4 HOH 33 1133 12 HOH HOH A . 
E 4 HOH 34 1134 30 HOH HOH A . 
E 4 HOH 35 1135 29 HOH HOH A . 
E 4 HOH 36 1136 6  HOH HOH A . 
E 4 HOH 37 1137 14 HOH HOH A . 
E 4 HOH 38 1138 54 HOH HOH A . 
E 4 HOH 39 1139 57 HOH HOH A . 
E 4 HOH 40 1140 36 HOH HOH A . 
E 4 HOH 41 1141 16 HOH HOH A . 
E 4 HOH 42 1142 82 HOH HOH A . 
E 4 HOH 43 1143 47 HOH HOH A . 
E 4 HOH 44 1144 86 HOH HOH A . 
E 4 HOH 45 1145 53 HOH HOH A . 
E 4 HOH 46 1146 48 HOH HOH A . 
E 4 HOH 47 1147 41 HOH HOH A . 
E 4 HOH 48 1148 83 HOH HOH A . 
E 4 HOH 49 1149 52 HOH HOH A . 
E 4 HOH 50 1150 37 HOH HOH A . 
E 4 HOH 51 1151 73 HOH HOH A . 
E 4 HOH 52 1152 60 HOH HOH A . 
E 4 HOH 53 1153 76 HOH HOH A . 
E 4 HOH 54 1154 38 HOH HOH A . 
E 4 HOH 55 1155 49 HOH HOH A . 
E 4 HOH 56 1156 31 HOH HOH A . 
E 4 HOH 57 1157 69 HOH HOH A . 
E 4 HOH 58 1158 70 HOH HOH A . 
E 4 HOH 59 1159 15 HOH HOH A . 
E 4 HOH 60 1160 58 HOH HOH A . 
E 4 HOH 61 1161 39 HOH HOH A . 
E 4 HOH 62 1162 43 HOH HOH A . 
E 4 HOH 63 1163 84 HOH HOH A . 
E 4 HOH 64 1164 72 HOH HOH A . 
# 
_pdbx_struct_assembly.id                   1 
_pdbx_struct_assembly.details              author_and_software_defined_assembly 
_pdbx_struct_assembly.method_details       PISA 
_pdbx_struct_assembly.oligomeric_details   monomeric 
_pdbx_struct_assembly.oligomeric_count     1 
# 
_pdbx_struct_assembly_gen.assembly_id       1 
_pdbx_struct_assembly_gen.oper_expression   1 
_pdbx_struct_assembly_gen.asym_id_list      A,B,C,D,E 
# 
_pdbx_struct_oper_list.id                   1 
_pdbx_struct_oper_list.type                 'identity operation' 
_pdbx_struct_oper_list.name                 1_555 
_pdbx_struct_oper_list.symmetry_operation   x,y,z 
_pdbx_struct_oper_list.matrix[1][1]         1.0000000000 
_pdbx_struct_oper_list.matrix[1][2]         0.0000000000 
_pdbx_struct_oper_list.matrix[1][3]         0.0000000000 
_pdbx_struct_oper_list.vector[1]            0.0000000000 
_pdbx_struct_oper_list.matrix[2][1]         0.0000000000 
_pdbx_struct_oper_list.matrix[2][2]         1.0000000000 
_pdbx_struct_oper_list.matrix[2][3]         0.0000000000 
_pdbx_struct_oper_list.vector[2]            0.0000000000 
_pdbx_struct_oper_list.matrix[3][1]         0.0000000000 
_pdbx_struct_oper_list.matrix[3][2]         0.0000000000 
_pdbx_struct_oper_list.matrix[3][3]         1.0000000000 
_pdbx_struct_oper_list.vector[3]            0.0000000000 
# 
loop_
_pdbx_struct_conn_angle.id 
_pdbx_struct_conn_angle.ptnr1_label_atom_id 
_pdbx_struct_conn_angle.ptnr1_label_alt_id 
_pdbx_struct_conn_angle.ptnr1_label_asym_id 
_pdbx_struct_conn_angle.ptnr1_label_comp_id 
_pdbx_struct_conn_angle.ptnr1_label_seq_id 
_pdbx_struct_conn_angle.ptnr1_auth_atom_id 
_pdbx_struct_conn_angle.ptnr1_auth_asym_id 
_pdbx_struct_conn_angle.ptnr1_auth_comp_id 
_pdbx_struct_conn_angle.ptnr1_auth_seq_id 
_pdbx_struct_conn_angle.ptnr1_PDB_ins_code 
_pdbx_struct_conn_angle.ptnr1_symmetry 
_pdbx_struct_conn_angle.ptnr2_label_atom_id 
_pdbx_struct_conn_angle.ptnr2_label_alt_id 
_pdbx_struct_conn_angle.ptnr2_label_asym_id 
_pdbx_struct_conn_angle.ptnr2_label_comp_id 
_pdbx_struct_conn_angle.ptnr2_label_seq_id 
_pdbx_struct_conn_angle.ptnr2_auth_atom_id 
_pdbx_struct_conn_angle.ptnr2_auth_asym_id 
_pdbx_struct_conn_angle.ptnr2_auth_comp_id 
_pdbx_struct_conn_angle.ptnr2_auth_seq_id 
_pdbx_struct_conn_angle.ptnr2_PDB_ins_code 
_pdbx_struct_conn_angle.ptnr2_symmetry 
_pdbx_struct_conn_angle.ptnr3_label_atom_id 
_pdbx_struct_conn_angle.ptnr3_label_alt_id 
_pdbx_struct_conn_angle.ptnr3_label_asym_id 
_pdbx_struct_conn_angle.ptnr3_label_comp_id 
_pdbx_struct_conn_angle.ptnr3_label_seq_id 
_pdbx_struct_conn_angle.ptnr3_auth_atom_id 
_pdbx_struct_conn_angle.ptnr3_auth_asym_id 
_pdbx_struct_conn_angle.ptnr3_auth_comp_id 
_pdbx_struct_conn_angle.ptnr3_auth_seq_id 
_pdbx_struct_conn_angle.ptnr3_PDB_ins_code 
_pdbx_struct_conn_angle.ptnr3_symmetry 
_pdbx_struct_conn_angle.value 
_pdbx_struct_conn_angle.value_esd 
1  SG  ? A CYS 9  ? A CYS 913 ? 1_555 ZN ? D ZN . ? A ZN 1003 ? 1_555 SG  ? A CYS 11 ? A CYS 915 ? 1_555 113.4 ? 
2  SG  ? A CYS 9  ? A CYS 913 ? 1_555 ZN ? D ZN . ? A ZN 1003 ? 1_555 ND1 ? A HIS 31 ? A HIS 935 ? 1_555 104.6 ? 
3  SG  ? A CYS 11 ? A CYS 915 ? 1_555 ZN ? D ZN . ? A ZN 1003 ? 1_555 ND1 ? A HIS 31 ? A HIS 935 ? 1_555 93.9  ? 
4  SG  ? A CYS 9  ? A CYS 913 ? 1_555 ZN ? D ZN . ? A ZN 1003 ? 1_555 SG  ? A CYS 34 ? A CYS 938 ? 1_555 110.0 ? 
5  SG  ? A CYS 11 ? A CYS 915 ? 1_555 ZN ? D ZN . ? A ZN 1003 ? 1_555 SG  ? A CYS 34 ? A CYS 938 ? 1_555 115.4 ? 
6  ND1 ? A HIS 31 ? A HIS 935 ? 1_555 ZN ? D ZN . ? A ZN 1003 ? 1_555 SG  ? A CYS 34 ? A CYS 938 ? 1_555 118.4 ? 
7  SG  ? A CYS 23 ? A CYS 927 ? 1_555 ZN ? C ZN . ? A ZN 1002 ? 1_555 SG  ? A CYS 26 ? A CYS 930 ? 1_555 105.3 ? 
8  SG  ? A CYS 23 ? A CYS 927 ? 1_555 ZN ? C ZN . ? A ZN 1002 ? 1_555 SG  ? A CYS 54 ? A CYS 958 ? 1_555 113.1 ? 
9  SG  ? A CYS 26 ? A CYS 930 ? 1_555 ZN ? C ZN . ? A ZN 1002 ? 1_555 SG  ? A CYS 54 ? A CYS 958 ? 1_555 114.3 ? 
10 SG  ? A CYS 23 ? A CYS 927 ? 1_555 ZN ? C ZN . ? A ZN 1002 ? 1_555 SG  ? A CYS 57 ? A CYS 961 ? 1_555 105.1 ? 
11 SG  ? A CYS 26 ? A CYS 930 ? 1_555 ZN ? C ZN . ? A ZN 1002 ? 1_555 SG  ? A CYS 57 ? A CYS 961 ? 1_555 113.8 ? 
12 SG  ? A CYS 54 ? A CYS 958 ? 1_555 ZN ? C ZN . ? A ZN 1002 ? 1_555 SG  ? A CYS 57 ? A CYS 961 ? 1_555 105.0 ? 
# 
loop_
_pdbx_audit_revision_history.ordinal 
_pdbx_audit_revision_history.data_content_type 
_pdbx_audit_revision_history.major_revision 
_pdbx_audit_revision_history.minor_revision 
_pdbx_audit_revision_history.revision_date 
1 'Structure model' 1 0 2017-10-04 
2 'Structure model' 1 1 2017-10-18 
3 'Structure model' 1 2 2019-12-11 
4 'Structure model' 1 3 2023-10-04 
# 
_pdbx_audit_revision_details.ordinal             1 
_pdbx_audit_revision_details.revision_ordinal    1 
_pdbx_audit_revision_details.data_content_type   'Structure model' 
_pdbx_audit_revision_details.provider            repository 
_pdbx_audit_revision_details.type                'Initial release' 
_pdbx_audit_revision_details.description         ? 
_pdbx_audit_revision_details.details             ? 
# 
loop_
_pdbx_audit_revision_group.ordinal 
_pdbx_audit_revision_group.revision_ordinal 
_pdbx_audit_revision_group.data_content_type 
_pdbx_audit_revision_group.group 
1 2 'Structure model' 'Author supporting evidence' 
2 2 'Structure model' 'Database references'        
3 3 'Structure model' 'Author supporting evidence' 
4 4 'Structure model' 'Data collection'            
5 4 'Structure model' 'Database references'        
6 4 'Structure model' 'Refinement description'     
# 
loop_
_pdbx_audit_revision_category.ordinal 
_pdbx_audit_revision_category.revision_ordinal 
_pdbx_audit_revision_category.data_content_type 
_pdbx_audit_revision_category.category 
1 2 'Structure model' citation                      
2 2 'Structure model' pdbx_audit_support            
3 3 'Structure model' pdbx_audit_support            
4 4 'Structure model' chem_comp_atom                
5 4 'Structure model' chem_comp_bond                
6 4 'Structure model' database_2                    
7 4 'Structure model' pdbx_initial_refinement_model 
# 
loop_
_pdbx_audit_revision_item.ordinal 
_pdbx_audit_revision_item.revision_ordinal 
_pdbx_audit_revision_item.data_content_type 
_pdbx_audit_revision_item.item 
1 2 'Structure model' '_citation.journal_volume'                 
2 2 'Structure model' '_citation.page_first'                     
3 2 'Structure model' '_citation.page_last'                      
4 2 'Structure model' '_pdbx_audit_support.funding_organization' 
5 3 'Structure model' '_pdbx_audit_support.funding_organization' 
6 4 'Structure model' '_database_2.pdbx_DOI'                     
7 4 'Structure model' '_database_2.pdbx_database_accession'      
# 
loop_
_software.citation_id 
_software.classification 
_software.compiler_name 
_software.compiler_version 
_software.contact_author 
_software.contact_author_email 
_software.date 
_software.description 
_software.dependencies 
_software.hardware 
_software.language 
_software.location 
_software.mods 
_software.name 
_software.os 
_software.os_version 
_software.type 
_software.version 
_software.pdbx_ordinal 
? refinement       ? ? ? ? ? ? ? ? ? ? ? PHENIX ? ? ? '(1.11.1_2575: ???)' 1 
? 'data reduction' ? ? ? ? ? ? ? ? ? ? ? d*TREK ? ? ? .                    2 
? 'data scaling'   ? ? ? ? ? ? ? ? ? ? ? SCALA  ? ? ? .                    3 
? phasing          ? ? ? ? ? ? ? ? ? ? ? PHENIX ? ? ? .                    4 
# 
_pdbx_validate_close_contact.id               1 
_pdbx_validate_close_contact.PDB_model_num    1 
_pdbx_validate_close_contact.auth_atom_id_1   NZ 
_pdbx_validate_close_contact.auth_asym_id_1   A 
_pdbx_validate_close_contact.auth_comp_id_1   LYS 
_pdbx_validate_close_contact.auth_seq_id_1    943 
_pdbx_validate_close_contact.PDB_ins_code_1   ? 
_pdbx_validate_close_contact.label_alt_id_1   ? 
_pdbx_validate_close_contact.auth_atom_id_2   O 
_pdbx_validate_close_contact.auth_asym_id_2   A 
_pdbx_validate_close_contact.auth_comp_id_2   HOH 
_pdbx_validate_close_contact.auth_seq_id_2    1101 
_pdbx_validate_close_contact.PDB_ins_code_2   ? 
_pdbx_validate_close_contact.label_alt_id_2   ? 
_pdbx_validate_close_contact.dist             2.16 
# 
_pdbx_validate_symm_contact.id                1 
_pdbx_validate_symm_contact.PDB_model_num     1 
_pdbx_validate_symm_contact.auth_atom_id_1    O 
_pdbx_validate_symm_contact.auth_asym_id_1    A 
_pdbx_validate_symm_contact.auth_comp_id_1    HOH 
_pdbx_validate_symm_contact.auth_seq_id_1     1101 
_pdbx_validate_symm_contact.PDB_ins_code_1    ? 
_pdbx_validate_symm_contact.label_alt_id_1    ? 
_pdbx_validate_symm_contact.site_symmetry_1   1_555 
_pdbx_validate_symm_contact.auth_atom_id_2    O 
_pdbx_validate_symm_contact.auth_asym_id_2    A 
_pdbx_validate_symm_contact.auth_comp_id_2    HOH 
_pdbx_validate_symm_contact.auth_seq_id_2     1118 
_pdbx_validate_symm_contact.PDB_ins_code_2    ? 
_pdbx_validate_symm_contact.label_alt_id_2    ? 
_pdbx_validate_symm_contact.site_symmetry_2   1_655 
_pdbx_validate_symm_contact.dist              2.06 
# 
_pdbx_validate_torsion.id              1 
_pdbx_validate_torsion.PDB_model_num   1 
_pdbx_validate_torsion.auth_comp_id    CYS 
_pdbx_validate_torsion.auth_asym_id    A 
_pdbx_validate_torsion.auth_seq_id     913 
_pdbx_validate_torsion.PDB_ins_code    ? 
_pdbx_validate_torsion.label_alt_id    ? 
_pdbx_validate_torsion.phi             76.50 
_pdbx_validate_torsion.psi             175.04 
# 
loop_
_pdbx_unobs_or_zero_occ_residues.id 
_pdbx_unobs_or_zero_occ_residues.PDB_model_num 
_pdbx_unobs_or_zero_occ_residues.polymer_flag 
_pdbx_unobs_or_zero_occ_residues.occupancy_flag 
_pdbx_unobs_or_zero_occ_residues.auth_asym_id 
_pdbx_unobs_or_zero_occ_residues.auth_comp_id 
_pdbx_unobs_or_zero_occ_residues.auth_seq_id 
_pdbx_unobs_or_zero_occ_residues.PDB_ins_code 
_pdbx_unobs_or_zero_occ_residues.label_asym_id 
_pdbx_unobs_or_zero_occ_residues.label_comp_id 
_pdbx_unobs_or_zero_occ_residues.label_seq_id 
1 1 Y 1 A GLN 965 ? A GLN 61 
2 1 Y 1 A GLU 966 ? A GLU 62 
# 
loop_
_chem_comp_atom.comp_id 
_chem_comp_atom.atom_id 
_chem_comp_atom.type_symbol 
_chem_comp_atom.pdbx_aromatic_flag 
_chem_comp_atom.pdbx_stereo_config 
_chem_comp_atom.pdbx_ordinal 
ALA N    N  N N 1   
ALA CA   C  N S 2   
ALA C    C  N N 3   
ALA O    O  N N 4   
ALA CB   C  N N 5   
ALA OXT  O  N N 6   
ALA H    H  N N 7   
ALA H2   H  N N 8   
ALA HA   H  N N 9   
ALA HB1  H  N N 10  
ALA HB2  H  N N 11  
ALA HB3  H  N N 12  
ALA HXT  H  N N 13  
ARG N    N  N N 14  
ARG CA   C  N S 15  
ARG C    C  N N 16  
ARG O    O  N N 17  
ARG CB   C  N N 18  
ARG CG   C  N N 19  
ARG CD   C  N N 20  
ARG NE   N  N N 21  
ARG CZ   C  N N 22  
ARG NH1  N  N N 23  
ARG NH2  N  N N 24  
ARG OXT  O  N N 25  
ARG H    H  N N 26  
ARG H2   H  N N 27  
ARG HA   H  N N 28  
ARG HB2  H  N N 29  
ARG HB3  H  N N 30  
ARG HG2  H  N N 31  
ARG HG3  H  N N 32  
ARG HD2  H  N N 33  
ARG HD3  H  N N 34  
ARG HE   H  N N 35  
ARG HH11 H  N N 36  
ARG HH12 H  N N 37  
ARG HH21 H  N N 38  
ARG HH22 H  N N 39  
ARG HXT  H  N N 40  
ASN N    N  N N 41  
ASN CA   C  N S 42  
ASN C    C  N N 43  
ASN O    O  N N 44  
ASN CB   C  N N 45  
ASN CG   C  N N 46  
ASN OD1  O  N N 47  
ASN ND2  N  N N 48  
ASN OXT  O  N N 49  
ASN H    H  N N 50  
ASN H2   H  N N 51  
ASN HA   H  N N 52  
ASN HB2  H  N N 53  
ASN HB3  H  N N 54  
ASN HD21 H  N N 55  
ASN HD22 H  N N 56  
ASN HXT  H  N N 57  
ASP N    N  N N 58  
ASP CA   C  N S 59  
ASP C    C  N N 60  
ASP O    O  N N 61  
ASP CB   C  N N 62  
ASP CG   C  N N 63  
ASP OD1  O  N N 64  
ASP OD2  O  N N 65  
ASP OXT  O  N N 66  
ASP H    H  N N 67  
ASP H2   H  N N 68  
ASP HA   H  N N 69  
ASP HB2  H  N N 70  
ASP HB3  H  N N 71  
ASP HD2  H  N N 72  
ASP HXT  H  N N 73  
CYS N    N  N N 74  
CYS CA   C  N R 75  
CYS C    C  N N 76  
CYS O    O  N N 77  
CYS CB   C  N N 78  
CYS SG   S  N N 79  
CYS OXT  O  N N 80  
CYS H    H  N N 81  
CYS H2   H  N N 82  
CYS HA   H  N N 83  
CYS HB2  H  N N 84  
CYS HB3  H  N N 85  
CYS HG   H  N N 86  
CYS HXT  H  N N 87  
GLN N    N  N N 88  
GLN CA   C  N S 89  
GLN C    C  N N 90  
GLN O    O  N N 91  
GLN CB   C  N N 92  
GLN CG   C  N N 93  
GLN CD   C  N N 94  
GLN OE1  O  N N 95  
GLN NE2  N  N N 96  
GLN OXT  O  N N 97  
GLN H    H  N N 98  
GLN H2   H  N N 99  
GLN HA   H  N N 100 
GLN HB2  H  N N 101 
GLN HB3  H  N N 102 
GLN HG2  H  N N 103 
GLN HG3  H  N N 104 
GLN HE21 H  N N 105 
GLN HE22 H  N N 106 
GLN HXT  H  N N 107 
GLU N    N  N N 108 
GLU CA   C  N S 109 
GLU C    C  N N 110 
GLU O    O  N N 111 
GLU CB   C  N N 112 
GLU CG   C  N N 113 
GLU CD   C  N N 114 
GLU OE1  O  N N 115 
GLU OE2  O  N N 116 
GLU OXT  O  N N 117 
GLU H    H  N N 118 
GLU H2   H  N N 119 
GLU HA   H  N N 120 
GLU HB2  H  N N 121 
GLU HB3  H  N N 122 
GLU HG2  H  N N 123 
GLU HG3  H  N N 124 
GLU HE2  H  N N 125 
GLU HXT  H  N N 126 
GLY N    N  N N 127 
GLY CA   C  N N 128 
GLY C    C  N N 129 
GLY O    O  N N 130 
GLY OXT  O  N N 131 
GLY H    H  N N 132 
GLY H2   H  N N 133 
GLY HA2  H  N N 134 
GLY HA3  H  N N 135 
GLY HXT  H  N N 136 
GOL C1   C  N N 137 
GOL O1   O  N N 138 
GOL C2   C  N N 139 
GOL O2   O  N N 140 
GOL C3   C  N N 141 
GOL O3   O  N N 142 
GOL H11  H  N N 143 
GOL H12  H  N N 144 
GOL HO1  H  N N 145 
GOL H2   H  N N 146 
GOL HO2  H  N N 147 
GOL H31  H  N N 148 
GOL H32  H  N N 149 
GOL HO3  H  N N 150 
HIS N    N  N N 151 
HIS CA   C  N S 152 
HIS C    C  N N 153 
HIS O    O  N N 154 
HIS CB   C  N N 155 
HIS CG   C  Y N 156 
HIS ND1  N  Y N 157 
HIS CD2  C  Y N 158 
HIS CE1  C  Y N 159 
HIS NE2  N  Y N 160 
HIS OXT  O  N N 161 
HIS H    H  N N 162 
HIS H2   H  N N 163 
HIS HA   H  N N 164 
HIS HB2  H  N N 165 
HIS HB3  H  N N 166 
HIS HD1  H  N N 167 
HIS HD2  H  N N 168 
HIS HE1  H  N N 169 
HIS HE2  H  N N 170 
HIS HXT  H  N N 171 
HOH O    O  N N 172 
HOH H1   H  N N 173 
HOH H2   H  N N 174 
ILE N    N  N N 175 
ILE CA   C  N S 176 
ILE C    C  N N 177 
ILE O    O  N N 178 
ILE CB   C  N S 179 
ILE CG1  C  N N 180 
ILE CG2  C  N N 181 
ILE CD1  C  N N 182 
ILE OXT  O  N N 183 
ILE H    H  N N 184 
ILE H2   H  N N 185 
ILE HA   H  N N 186 
ILE HB   H  N N 187 
ILE HG12 H  N N 188 
ILE HG13 H  N N 189 
ILE HG21 H  N N 190 
ILE HG22 H  N N 191 
ILE HG23 H  N N 192 
ILE HD11 H  N N 193 
ILE HD12 H  N N 194 
ILE HD13 H  N N 195 
ILE HXT  H  N N 196 
LEU N    N  N N 197 
LEU CA   C  N S 198 
LEU C    C  N N 199 
LEU O    O  N N 200 
LEU CB   C  N N 201 
LEU CG   C  N N 202 
LEU CD1  C  N N 203 
LEU CD2  C  N N 204 
LEU OXT  O  N N 205 
LEU H    H  N N 206 
LEU H2   H  N N 207 
LEU HA   H  N N 208 
LEU HB2  H  N N 209 
LEU HB3  H  N N 210 
LEU HG   H  N N 211 
LEU HD11 H  N N 212 
LEU HD12 H  N N 213 
LEU HD13 H  N N 214 
LEU HD21 H  N N 215 
LEU HD22 H  N N 216 
LEU HD23 H  N N 217 
LEU HXT  H  N N 218 
LYS N    N  N N 219 
LYS CA   C  N S 220 
LYS C    C  N N 221 
LYS O    O  N N 222 
LYS CB   C  N N 223 
LYS CG   C  N N 224 
LYS CD   C  N N 225 
LYS CE   C  N N 226 
LYS NZ   N  N N 227 
LYS OXT  O  N N 228 
LYS H    H  N N 229 
LYS H2   H  N N 230 
LYS HA   H  N N 231 
LYS HB2  H  N N 232 
LYS HB3  H  N N 233 
LYS HG2  H  N N 234 
LYS HG3  H  N N 235 
LYS HD2  H  N N 236 
LYS HD3  H  N N 237 
LYS HE2  H  N N 238 
LYS HE3  H  N N 239 
LYS HZ1  H  N N 240 
LYS HZ2  H  N N 241 
LYS HZ3  H  N N 242 
LYS HXT  H  N N 243 
MET N    N  N N 244 
MET CA   C  N S 245 
MET C    C  N N 246 
MET O    O  N N 247 
MET CB   C  N N 248 
MET CG   C  N N 249 
MET SD   S  N N 250 
MET CE   C  N N 251 
MET OXT  O  N N 252 
MET H    H  N N 253 
MET H2   H  N N 254 
MET HA   H  N N 255 
MET HB2  H  N N 256 
MET HB3  H  N N 257 
MET HG2  H  N N 258 
MET HG3  H  N N 259 
MET HE1  H  N N 260 
MET HE2  H  N N 261 
MET HE3  H  N N 262 
MET HXT  H  N N 263 
PHE N    N  N N 264 
PHE CA   C  N S 265 
PHE C    C  N N 266 
PHE O    O  N N 267 
PHE CB   C  N N 268 
PHE CG   C  Y N 269 
PHE CD1  C  Y N 270 
PHE CD2  C  Y N 271 
PHE CE1  C  Y N 272 
PHE CE2  C  Y N 273 
PHE CZ   C  Y N 274 
PHE OXT  O  N N 275 
PHE H    H  N N 276 
PHE H2   H  N N 277 
PHE HA   H  N N 278 
PHE HB2  H  N N 279 
PHE HB3  H  N N 280 
PHE HD1  H  N N 281 
PHE HD2  H  N N 282 
PHE HE1  H  N N 283 
PHE HE2  H  N N 284 
PHE HZ   H  N N 285 
PHE HXT  H  N N 286 
PRO N    N  N N 287 
PRO CA   C  N S 288 
PRO C    C  N N 289 
PRO O    O  N N 290 
PRO CB   C  N N 291 
PRO CG   C  N N 292 
PRO CD   C  N N 293 
PRO OXT  O  N N 294 
PRO H    H  N N 295 
PRO HA   H  N N 296 
PRO HB2  H  N N 297 
PRO HB3  H  N N 298 
PRO HG2  H  N N 299 
PRO HG3  H  N N 300 
PRO HD2  H  N N 301 
PRO HD3  H  N N 302 
PRO HXT  H  N N 303 
THR N    N  N N 304 
THR CA   C  N S 305 
THR C    C  N N 306 
THR O    O  N N 307 
THR CB   C  N R 308 
THR OG1  O  N N 309 
THR CG2  C  N N 310 
THR OXT  O  N N 311 
THR H    H  N N 312 
THR H2   H  N N 313 
THR HA   H  N N 314 
THR HB   H  N N 315 
THR HG1  H  N N 316 
THR HG21 H  N N 317 
THR HG22 H  N N 318 
THR HG23 H  N N 319 
THR HXT  H  N N 320 
TRP N    N  N N 321 
TRP CA   C  N S 322 
TRP C    C  N N 323 
TRP O    O  N N 324 
TRP CB   C  N N 325 
TRP CG   C  Y N 326 
TRP CD1  C  Y N 327 
TRP CD2  C  Y N 328 
TRP NE1  N  Y N 329 
TRP CE2  C  Y N 330 
TRP CE3  C  Y N 331 
TRP CZ2  C  Y N 332 
TRP CZ3  C  Y N 333 
TRP CH2  C  Y N 334 
TRP OXT  O  N N 335 
TRP H    H  N N 336 
TRP H2   H  N N 337 
TRP HA   H  N N 338 
TRP HB2  H  N N 339 
TRP HB3  H  N N 340 
TRP HD1  H  N N 341 
TRP HE1  H  N N 342 
TRP HE3  H  N N 343 
TRP HZ2  H  N N 344 
TRP HZ3  H  N N 345 
TRP HH2  H  N N 346 
TRP HXT  H  N N 347 
VAL N    N  N N 348 
VAL CA   C  N S 349 
VAL C    C  N N 350 
VAL O    O  N N 351 
VAL CB   C  N N 352 
VAL CG1  C  N N 353 
VAL CG2  C  N N 354 
VAL OXT  O  N N 355 
VAL H    H  N N 356 
VAL H2   H  N N 357 
VAL HA   H  N N 358 
VAL HB   H  N N 359 
VAL HG11 H  N N 360 
VAL HG12 H  N N 361 
VAL HG13 H  N N 362 
VAL HG21 H  N N 363 
VAL HG22 H  N N 364 
VAL HG23 H  N N 365 
VAL HXT  H  N N 366 
ZN  ZN   ZN N N 367 
# 
loop_
_chem_comp_bond.comp_id 
_chem_comp_bond.atom_id_1 
_chem_comp_bond.atom_id_2 
_chem_comp_bond.value_order 
_chem_comp_bond.pdbx_aromatic_flag 
_chem_comp_bond.pdbx_stereo_config 
_chem_comp_bond.pdbx_ordinal 
ALA N   CA   sing N N 1   
ALA N   H    sing N N 2   
ALA N   H2   sing N N 3   
ALA CA  C    sing N N 4   
ALA CA  CB   sing N N 5   
ALA CA  HA   sing N N 6   
ALA C   O    doub N N 7   
ALA C   OXT  sing N N 8   
ALA CB  HB1  sing N N 9   
ALA CB  HB2  sing N N 10  
ALA CB  HB3  sing N N 11  
ALA OXT HXT  sing N N 12  
ARG N   CA   sing N N 13  
ARG N   H    sing N N 14  
ARG N   H2   sing N N 15  
ARG CA  C    sing N N 16  
ARG CA  CB   sing N N 17  
ARG CA  HA   sing N N 18  
ARG C   O    doub N N 19  
ARG C   OXT  sing N N 20  
ARG CB  CG   sing N N 21  
ARG CB  HB2  sing N N 22  
ARG CB  HB3  sing N N 23  
ARG CG  CD   sing N N 24  
ARG CG  HG2  sing N N 25  
ARG CG  HG3  sing N N 26  
ARG CD  NE   sing N N 27  
ARG CD  HD2  sing N N 28  
ARG CD  HD3  sing N N 29  
ARG NE  CZ   sing N N 30  
ARG NE  HE   sing N N 31  
ARG CZ  NH1  sing N N 32  
ARG CZ  NH2  doub N N 33  
ARG NH1 HH11 sing N N 34  
ARG NH1 HH12 sing N N 35  
ARG NH2 HH21 sing N N 36  
ARG NH2 HH22 sing N N 37  
ARG OXT HXT  sing N N 38  
ASN N   CA   sing N N 39  
ASN N   H    sing N N 40  
ASN N   H2   sing N N 41  
ASN CA  C    sing N N 42  
ASN CA  CB   sing N N 43  
ASN CA  HA   sing N N 44  
ASN C   O    doub N N 45  
ASN C   OXT  sing N N 46  
ASN CB  CG   sing N N 47  
ASN CB  HB2  sing N N 48  
ASN CB  HB3  sing N N 49  
ASN CG  OD1  doub N N 50  
ASN CG  ND2  sing N N 51  
ASN ND2 HD21 sing N N 52  
ASN ND2 HD22 sing N N 53  
ASN OXT HXT  sing N N 54  
ASP N   CA   sing N N 55  
ASP N   H    sing N N 56  
ASP N   H2   sing N N 57  
ASP CA  C    sing N N 58  
ASP CA  CB   sing N N 59  
ASP CA  HA   sing N N 60  
ASP C   O    doub N N 61  
ASP C   OXT  sing N N 62  
ASP CB  CG   sing N N 63  
ASP CB  HB2  sing N N 64  
ASP CB  HB3  sing N N 65  
ASP CG  OD1  doub N N 66  
ASP CG  OD2  sing N N 67  
ASP OD2 HD2  sing N N 68  
ASP OXT HXT  sing N N 69  
CYS N   CA   sing N N 70  
CYS N   H    sing N N 71  
CYS N   H2   sing N N 72  
CYS CA  C    sing N N 73  
CYS CA  CB   sing N N 74  
CYS CA  HA   sing N N 75  
CYS C   O    doub N N 76  
CYS C   OXT  sing N N 77  
CYS CB  SG   sing N N 78  
CYS CB  HB2  sing N N 79  
CYS CB  HB3  sing N N 80  
CYS SG  HG   sing N N 81  
CYS OXT HXT  sing N N 82  
GLN N   CA   sing N N 83  
GLN N   H    sing N N 84  
GLN N   H2   sing N N 85  
GLN CA  C    sing N N 86  
GLN CA  CB   sing N N 87  
GLN CA  HA   sing N N 88  
GLN C   O    doub N N 89  
GLN C   OXT  sing N N 90  
GLN CB  CG   sing N N 91  
GLN CB  HB2  sing N N 92  
GLN CB  HB3  sing N N 93  
GLN CG  CD   sing N N 94  
GLN CG  HG2  sing N N 95  
GLN CG  HG3  sing N N 96  
GLN CD  OE1  doub N N 97  
GLN CD  NE2  sing N N 98  
GLN NE2 HE21 sing N N 99  
GLN NE2 HE22 sing N N 100 
GLN OXT HXT  sing N N 101 
GLU N   CA   sing N N 102 
GLU N   H    sing N N 103 
GLU N   H2   sing N N 104 
GLU CA  C    sing N N 105 
GLU CA  CB   sing N N 106 
GLU CA  HA   sing N N 107 
GLU C   O    doub N N 108 
GLU C   OXT  sing N N 109 
GLU CB  CG   sing N N 110 
GLU CB  HB2  sing N N 111 
GLU CB  HB3  sing N N 112 
GLU CG  CD   sing N N 113 
GLU CG  HG2  sing N N 114 
GLU CG  HG3  sing N N 115 
GLU CD  OE1  doub N N 116 
GLU CD  OE2  sing N N 117 
GLU OE2 HE2  sing N N 118 
GLU OXT HXT  sing N N 119 
GLY N   CA   sing N N 120 
GLY N   H    sing N N 121 
GLY N   H2   sing N N 122 
GLY CA  C    sing N N 123 
GLY CA  HA2  sing N N 124 
GLY CA  HA3  sing N N 125 
GLY C   O    doub N N 126 
GLY C   OXT  sing N N 127 
GLY OXT HXT  sing N N 128 
GOL C1  O1   sing N N 129 
GOL C1  C2   sing N N 130 
GOL C1  H11  sing N N 131 
GOL C1  H12  sing N N 132 
GOL O1  HO1  sing N N 133 
GOL C2  O2   sing N N 134 
GOL C2  C3   sing N N 135 
GOL C2  H2   sing N N 136 
GOL O2  HO2  sing N N 137 
GOL C3  O3   sing N N 138 
GOL C3  H31  sing N N 139 
GOL C3  H32  sing N N 140 
GOL O3  HO3  sing N N 141 
HIS N   CA   sing N N 142 
HIS N   H    sing N N 143 
HIS N   H2   sing N N 144 
HIS CA  C    sing N N 145 
HIS CA  CB   sing N N 146 
HIS CA  HA   sing N N 147 
HIS C   O    doub N N 148 
HIS C   OXT  sing N N 149 
HIS CB  CG   sing N N 150 
HIS CB  HB2  sing N N 151 
HIS CB  HB3  sing N N 152 
HIS CG  ND1  sing Y N 153 
HIS CG  CD2  doub Y N 154 
HIS ND1 CE1  doub Y N 155 
HIS ND1 HD1  sing N N 156 
HIS CD2 NE2  sing Y N 157 
HIS CD2 HD2  sing N N 158 
HIS CE1 NE2  sing Y N 159 
HIS CE1 HE1  sing N N 160 
HIS NE2 HE2  sing N N 161 
HIS OXT HXT  sing N N 162 
HOH O   H1   sing N N 163 
HOH O   H2   sing N N 164 
ILE N   CA   sing N N 165 
ILE N   H    sing N N 166 
ILE N   H2   sing N N 167 
ILE CA  C    sing N N 168 
ILE CA  CB   sing N N 169 
ILE CA  HA   sing N N 170 
ILE C   O    doub N N 171 
ILE C   OXT  sing N N 172 
ILE CB  CG1  sing N N 173 
ILE CB  CG2  sing N N 174 
ILE CB  HB   sing N N 175 
ILE CG1 CD1  sing N N 176 
ILE CG1 HG12 sing N N 177 
ILE CG1 HG13 sing N N 178 
ILE CG2 HG21 sing N N 179 
ILE CG2 HG22 sing N N 180 
ILE CG2 HG23 sing N N 181 
ILE CD1 HD11 sing N N 182 
ILE CD1 HD12 sing N N 183 
ILE CD1 HD13 sing N N 184 
ILE OXT HXT  sing N N 185 
LEU N   CA   sing N N 186 
LEU N   H    sing N N 187 
LEU N   H2   sing N N 188 
LEU CA  C    sing N N 189 
LEU CA  CB   sing N N 190 
LEU CA  HA   sing N N 191 
LEU C   O    doub N N 192 
LEU C   OXT  sing N N 193 
LEU CB  CG   sing N N 194 
LEU CB  HB2  sing N N 195 
LEU CB  HB3  sing N N 196 
LEU CG  CD1  sing N N 197 
LEU CG  CD2  sing N N 198 
LEU CG  HG   sing N N 199 
LEU CD1 HD11 sing N N 200 
LEU CD1 HD12 sing N N 201 
LEU CD1 HD13 sing N N 202 
LEU CD2 HD21 sing N N 203 
LEU CD2 HD22 sing N N 204 
LEU CD2 HD23 sing N N 205 
LEU OXT HXT  sing N N 206 
LYS N   CA   sing N N 207 
LYS N   H    sing N N 208 
LYS N   H2   sing N N 209 
LYS CA  C    sing N N 210 
LYS CA  CB   sing N N 211 
LYS CA  HA   sing N N 212 
LYS C   O    doub N N 213 
LYS C   OXT  sing N N 214 
LYS CB  CG   sing N N 215 
LYS CB  HB2  sing N N 216 
LYS CB  HB3  sing N N 217 
LYS CG  CD   sing N N 218 
LYS CG  HG2  sing N N 219 
LYS CG  HG3  sing N N 220 
LYS CD  CE   sing N N 221 
LYS CD  HD2  sing N N 222 
LYS CD  HD3  sing N N 223 
LYS CE  NZ   sing N N 224 
LYS CE  HE2  sing N N 225 
LYS CE  HE3  sing N N 226 
LYS NZ  HZ1  sing N N 227 
LYS NZ  HZ2  sing N N 228 
LYS NZ  HZ3  sing N N 229 
LYS OXT HXT  sing N N 230 
MET N   CA   sing N N 231 
MET N   H    sing N N 232 
MET N   H2   sing N N 233 
MET CA  C    sing N N 234 
MET CA  CB   sing N N 235 
MET CA  HA   sing N N 236 
MET C   O    doub N N 237 
MET C   OXT  sing N N 238 
MET CB  CG   sing N N 239 
MET CB  HB2  sing N N 240 
MET CB  HB3  sing N N 241 
MET CG  SD   sing N N 242 
MET CG  HG2  sing N N 243 
MET CG  HG3  sing N N 244 
MET SD  CE   sing N N 245 
MET CE  HE1  sing N N 246 
MET CE  HE2  sing N N 247 
MET CE  HE3  sing N N 248 
MET OXT HXT  sing N N 249 
PHE N   CA   sing N N 250 
PHE N   H    sing N N 251 
PHE N   H2   sing N N 252 
PHE CA  C    sing N N 253 
PHE CA  CB   sing N N 254 
PHE CA  HA   sing N N 255 
PHE C   O    doub N N 256 
PHE C   OXT  sing N N 257 
PHE CB  CG   sing N N 258 
PHE CB  HB2  sing N N 259 
PHE CB  HB3  sing N N 260 
PHE CG  CD1  doub Y N 261 
PHE CG  CD2  sing Y N 262 
PHE CD1 CE1  sing Y N 263 
PHE CD1 HD1  sing N N 264 
PHE CD2 CE2  doub Y N 265 
PHE CD2 HD2  sing N N 266 
PHE CE1 CZ   doub Y N 267 
PHE CE1 HE1  sing N N 268 
PHE CE2 CZ   sing Y N 269 
PHE CE2 HE2  sing N N 270 
PHE CZ  HZ   sing N N 271 
PHE OXT HXT  sing N N 272 
PRO N   CA   sing N N 273 
PRO N   CD   sing N N 274 
PRO N   H    sing N N 275 
PRO CA  C    sing N N 276 
PRO CA  CB   sing N N 277 
PRO CA  HA   sing N N 278 
PRO C   O    doub N N 279 
PRO C   OXT  sing N N 280 
PRO CB  CG   sing N N 281 
PRO CB  HB2  sing N N 282 
PRO CB  HB3  sing N N 283 
PRO CG  CD   sing N N 284 
PRO CG  HG2  sing N N 285 
PRO CG  HG3  sing N N 286 
PRO CD  HD2  sing N N 287 
PRO CD  HD3  sing N N 288 
PRO OXT HXT  sing N N 289 
THR N   CA   sing N N 290 
THR N   H    sing N N 291 
THR N   H2   sing N N 292 
THR CA  C    sing N N 293 
THR CA  CB   sing N N 294 
THR CA  HA   sing N N 295 
THR C   O    doub N N 296 
THR C   OXT  sing N N 297 
THR CB  OG1  sing N N 298 
THR CB  CG2  sing N N 299 
THR CB  HB   sing N N 300 
THR OG1 HG1  sing N N 301 
THR CG2 HG21 sing N N 302 
THR CG2 HG22 sing N N 303 
THR CG2 HG23 sing N N 304 
THR OXT HXT  sing N N 305 
TRP N   CA   sing N N 306 
TRP N   H    sing N N 307 
TRP N   H2   sing N N 308 
TRP CA  C    sing N N 309 
TRP CA  CB   sing N N 310 
TRP CA  HA   sing N N 311 
TRP C   O    doub N N 312 
TRP C   OXT  sing N N 313 
TRP CB  CG   sing N N 314 
TRP CB  HB2  sing N N 315 
TRP CB  HB3  sing N N 316 
TRP CG  CD1  doub Y N 317 
TRP CG  CD2  sing Y N 318 
TRP CD1 NE1  sing Y N 319 
TRP CD1 HD1  sing N N 320 
TRP CD2 CE2  doub Y N 321 
TRP CD2 CE3  sing Y N 322 
TRP NE1 CE2  sing Y N 323 
TRP NE1 HE1  sing N N 324 
TRP CE2 CZ2  sing Y N 325 
TRP CE3 CZ3  doub Y N 326 
TRP CE3 HE3  sing N N 327 
TRP CZ2 CH2  doub Y N 328 
TRP CZ2 HZ2  sing N N 329 
TRP CZ3 CH2  sing Y N 330 
TRP CZ3 HZ3  sing N N 331 
TRP CH2 HH2  sing N N 332 
TRP OXT HXT  sing N N 333 
VAL N   CA   sing N N 334 
VAL N   H    sing N N 335 
VAL N   H2   sing N N 336 
VAL CA  C    sing N N 337 
VAL CA  CB   sing N N 338 
VAL CA  HA   sing N N 339 
VAL C   O    doub N N 340 
VAL C   OXT  sing N N 341 
VAL CB  CG1  sing N N 342 
VAL CB  CG2  sing N N 343 
VAL CB  HB   sing N N 344 
VAL CG1 HG11 sing N N 345 
VAL CG1 HG12 sing N N 346 
VAL CG1 HG13 sing N N 347 
VAL CG2 HG21 sing N N 348 
VAL CG2 HG22 sing N N 349 
VAL CG2 HG23 sing N N 350 
VAL OXT HXT  sing N N 351 
# 
loop_
_pdbx_audit_support.funding_organization 
_pdbx_audit_support.country 
_pdbx_audit_support.grant_number 
_pdbx_audit_support.ordinal 
'National Institutes of Health/National Institute of General Medical Sciences (NIH/NIGMS)'     'United States' GM106416    1 
'National Institutes of Health/National Institute of General Medical Sciences (NIH/NIGMS)'     'United States' GM101664    2 
'National Institutes of Health/National Institute of General Medical Sciences (NIH/NIGMS)'     'United States' GM100907    3 
'National Institutes of Health/National Institute on Alcohol Abuse and Alcoholism (NIH/NIAAA)' 'United States' T32AA007464 4 
# 
loop_
_pdbx_entity_nonpoly.entity_id 
_pdbx_entity_nonpoly.name 
_pdbx_entity_nonpoly.comp_id 
2 GLYCEROL   GOL 
3 'ZINC ION' ZN  
4 water      HOH 
# 
_pdbx_initial_refinement_model.id               1 
_pdbx_initial_refinement_model.entity_id_list   ? 
_pdbx_initial_refinement_model.type             'experimental model' 
_pdbx_initial_refinement_model.source_name      PDB 
_pdbx_initial_refinement_model.accession_code   4L7X 
_pdbx_initial_refinement_model.details          ? 
# 
_pdbx_struct_assembly_auth_evidence.id                     1 
_pdbx_struct_assembly_auth_evidence.assembly_id            1 
_pdbx_struct_assembly_auth_evidence.experimental_support   'assay for oligomerization' 
_pdbx_struct_assembly_auth_evidence.details                HSQC 
# 
